data_5DU9
#
_entry.id   5DU9
#
_cell.length_a   213.428
_cell.length_b   213.428
_cell.length_c   52.901
_cell.angle_alpha   90.00
_cell.angle_beta   90.00
_cell.angle_gamma   120.00
#
_symmetry.space_group_name_H-M   'H 3'
#
loop_
_entity.id
_entity.type
_entity.pdbx_description
1 polymer 'CDA peptide synthetase I'
2 non-polymer 'SULFATE ION'
3 non-polymer 'CHLORIDE ION'
4 non-polymer (2S)-2-amino-N-butyl-propanamide
5 water water
#
_entity_poly.entity_id   1
_entity_poly.type   'polypeptide(L)'
_entity_poly.pdbx_seq_one_letter_code
;GMSENSSVRHGLTSAQHCVWLAQQLDPRGAHYRTGSCLEIDGPLDHAVLSRALRLTVAGTETLCSRFLTDEEGRPYRAYC
PPAPEGSAAVEDPDGVPYTPVLLRHIDLSGHEDPEGEAQRWMDRDRATPLPLDRPGLSSHALFTLGGGRHLYYLGVHHIV
IDGTSMALFYERLAEVYRALRDGRAVPAAAFGDTDRMVAGEEAYRASARYERDRAYWTGLFTDRPEPVSLTGRGGGRALA
PTVRSLGLPPERTEVLGRAAEATGAHWARVVIAGVAAFLHRTTGARDVVVSVPVTGRYGANARITPGMVSNRLPLRLAVR
PGESFARVVETVSEAMSGLLAHSRFRGEDLDRELGGAGVSGPTVNVMPYIRPVDFGGPVGLMRSISSGPTTDLNIVLTGT
PESGLRVDFEGNPQVYGGQDLTVLQERFVRFLAELAADPAATVDEVALLT
;
_entity_poly.pdbx_strand_id   A,B
#
# COMPACT_ATOMS: atom_id res chain seq x y z
N SER A 7 10.92 -37.33 24.79
CA SER A 7 10.45 -38.59 24.27
C SER A 7 9.20 -38.41 23.41
N VAL A 8 8.56 -37.25 23.54
CA VAL A 8 7.37 -36.96 22.75
C VAL A 8 7.73 -36.93 21.26
N ARG A 9 6.91 -37.62 20.47
CA ARG A 9 7.09 -37.63 19.01
C ARG A 9 6.07 -36.71 18.36
N HIS A 10 6.55 -35.56 17.90
CA HIS A 10 5.68 -34.53 17.34
C HIS A 10 5.42 -34.77 15.87
N GLY A 11 4.17 -34.59 15.45
CA GLY A 11 3.80 -34.73 14.05
C GLY A 11 4.35 -33.59 13.22
N LEU A 12 4.70 -33.89 11.98
CA LEU A 12 5.14 -32.86 11.04
C LEU A 12 3.94 -32.18 10.40
N THR A 13 4.12 -30.91 10.04
CA THR A 13 3.14 -30.22 9.21
C THR A 13 3.22 -30.80 7.81
N SER A 14 2.22 -30.50 6.97
CA SER A 14 2.24 -30.97 5.59
C SER A 14 3.48 -30.45 4.87
N ALA A 15 3.79 -29.18 5.07
CA ALA A 15 4.96 -28.56 4.43
C ALA A 15 6.24 -29.23 4.89
N GLN A 16 6.31 -29.59 6.17
CA GLN A 16 7.49 -30.25 6.69
C GLN A 16 7.62 -31.66 6.11
N HIS A 17 6.50 -32.38 5.98
CA HIS A 17 6.49 -33.68 5.32
C HIS A 17 7.03 -33.56 3.89
N CYS A 18 6.63 -32.50 3.21
CA CYS A 18 7.05 -32.25 1.83
C CYS A 18 8.57 -32.07 1.74
N VAL A 19 9.11 -31.23 2.61
CA VAL A 19 10.55 -31.00 2.64
C VAL A 19 11.29 -32.28 3.02
N TRP A 20 10.76 -33.01 3.99
CA TRP A 20 11.40 -34.23 4.42
C TRP A 20 11.53 -35.22 3.26
N LEU A 21 10.45 -35.44 2.53
CA LEU A 21 10.47 -36.35 1.38
C LEU A 21 11.44 -35.87 0.31
N ALA A 22 11.46 -34.57 0.06
CA ALA A 22 12.31 -34.01 -0.97
C ALA A 22 13.78 -34.14 -0.58
N GLN A 23 14.07 -34.00 0.71
CA GLN A 23 15.43 -34.12 1.20
C GLN A 23 15.96 -35.53 0.99
N GLN A 24 15.07 -36.51 1.11
CA GLN A 24 15.46 -37.91 0.97
C GLN A 24 15.94 -38.24 -0.44
N LEU A 25 15.52 -37.46 -1.42
CA LEU A 25 15.95 -37.67 -2.80
C LEU A 25 17.42 -37.30 -2.99
N ASP A 26 17.95 -36.52 -2.06
CA ASP A 26 19.32 -36.05 -2.10
C ASP A 26 19.80 -35.84 -0.66
N PRO A 27 20.00 -36.94 0.07
CA PRO A 27 20.16 -36.89 1.54
C PRO A 27 21.29 -35.99 2.02
N ARG A 28 22.38 -35.89 1.27
CA ARG A 28 23.52 -35.10 1.69
C ARG A 28 23.53 -33.71 1.05
N GLY A 29 22.46 -33.38 0.33
CA GLY A 29 22.37 -32.13 -0.39
C GLY A 29 21.99 -30.97 0.52
N ALA A 30 22.22 -29.75 0.03
CA ALA A 30 21.90 -28.53 0.77
C ALA A 30 20.85 -27.71 0.03
N HIS A 31 20.11 -28.36 -0.85
CA HIS A 31 19.19 -27.63 -1.72
C HIS A 31 18.01 -27.02 -0.99
N TYR A 32 17.73 -27.49 0.23
CA TYR A 32 16.65 -26.90 1.03
C TYR A 32 17.20 -26.01 2.15
N ARG A 33 18.46 -25.58 2.00
CA ARG A 33 18.99 -24.48 2.81
C ARG A 33 18.45 -23.16 2.26
N THR A 34 17.83 -22.38 3.13
CA THR A 34 17.29 -21.08 2.76
C THR A 34 17.85 -20.02 3.70
N GLY A 35 17.58 -18.76 3.40
CA GLY A 35 18.09 -17.71 4.26
C GLY A 35 17.61 -16.32 3.94
N SER A 36 17.84 -15.43 4.89
CA SER A 36 17.57 -14.01 4.72
C SER A 36 18.57 -13.28 5.60
N CYS A 37 18.54 -11.95 5.56
CA CYS A 37 19.36 -11.18 6.46
C CYS A 37 18.71 -9.85 6.79
N LEU A 38 19.21 -9.20 7.83
CA LEU A 38 18.83 -7.83 8.17
C LEU A 38 19.99 -6.89 7.90
N GLU A 39 19.73 -5.85 7.12
CA GLU A 39 20.70 -4.77 6.95
C GLU A 39 20.44 -3.76 8.06
N ILE A 40 21.41 -3.60 8.95
CA ILE A 40 21.24 -2.82 10.17
C ILE A 40 22.12 -1.57 10.12
N ASP A 41 21.51 -0.42 10.39
CA ASP A 41 22.12 0.87 10.09
C ASP A 41 22.95 1.46 11.23
N GLY A 42 23.15 0.70 12.29
CA GLY A 42 23.92 1.19 13.44
C GLY A 42 24.54 0.07 14.23
N PRO A 43 25.46 0.41 15.15
CA PRO A 43 26.22 -0.59 15.90
C PRO A 43 25.38 -1.43 16.86
N LEU A 44 25.68 -2.72 16.90
CA LEU A 44 25.10 -3.64 17.87
C LEU A 44 26.19 -4.26 18.74
N ASP A 45 25.84 -4.63 19.96
CA ASP A 45 26.76 -5.29 20.87
C ASP A 45 26.66 -6.80 20.66
N HIS A 46 27.73 -7.39 20.11
CA HIS A 46 27.70 -8.81 19.77
C HIS A 46 27.52 -9.71 20.98
N ALA A 47 28.17 -9.35 22.08
CA ALA A 47 28.06 -10.13 23.32
C ALA A 47 26.61 -10.17 23.78
N VAL A 48 25.94 -9.03 23.74
CA VAL A 48 24.55 -8.94 24.18
C VAL A 48 23.63 -9.65 23.19
N LEU A 49 23.86 -9.41 21.89
CA LEU A 49 23.04 -10.06 20.86
C LEU A 49 23.21 -11.58 20.92
N SER A 50 24.41 -12.02 21.30
CA SER A 50 24.67 -13.45 21.44
C SER A 50 23.81 -14.02 22.56
N ARG A 51 23.70 -13.29 23.67
CA ARG A 51 22.84 -13.69 24.77
C ARG A 51 21.38 -13.67 24.32
N ALA A 52 21.01 -12.64 23.57
CA ALA A 52 19.65 -12.50 23.07
C ALA A 52 19.27 -13.64 22.12
N LEU A 53 20.23 -14.09 21.31
CA LEU A 53 19.97 -15.20 20.41
C LEU A 53 19.67 -16.46 21.21
N ARG A 54 20.42 -16.68 22.28
CA ARG A 54 20.26 -17.87 23.09
C ARG A 54 18.85 -17.90 23.70
N LEU A 55 18.42 -16.77 24.23
CA LEU A 55 17.09 -16.67 24.83
C LEU A 55 16.01 -16.84 23.76
N THR A 56 16.26 -16.28 22.58
CA THR A 56 15.29 -16.35 21.49
C THR A 56 15.12 -17.77 21.00
N VAL A 57 16.24 -18.44 20.75
CA VAL A 57 16.19 -19.83 20.28
C VAL A 57 15.51 -20.70 21.33
N ALA A 58 15.89 -20.53 22.59
CA ALA A 58 15.32 -21.33 23.68
C ALA A 58 13.79 -21.27 23.70
N GLY A 59 13.24 -20.13 23.26
CA GLY A 59 11.80 -19.92 23.27
C GLY A 59 11.13 -20.22 21.94
N THR A 60 11.89 -20.75 20.99
CA THR A 60 11.38 -21.03 19.65
C THR A 60 11.50 -22.52 19.34
N GLU A 61 10.41 -23.26 19.55
CA GLU A 61 10.45 -24.72 19.49
C GLU A 61 11.05 -25.25 18.19
N THR A 62 10.68 -24.64 17.07
CA THR A 62 11.14 -25.17 15.78
C THR A 62 12.65 -25.04 15.63
N LEU A 63 13.24 -24.03 16.25
CA LEU A 63 14.69 -23.84 16.17
C LEU A 63 15.43 -24.72 17.18
N CYS A 64 14.68 -25.49 17.98
CA CYS A 64 15.25 -26.43 18.93
C CYS A 64 14.90 -27.85 18.56
N SER A 65 14.49 -28.06 17.32
CA SER A 65 13.94 -29.34 16.91
C SER A 65 14.88 -30.12 16.00
N ARG A 66 14.75 -31.44 16.04
CA ARG A 66 15.39 -32.31 15.08
C ARG A 66 14.34 -33.27 14.53
N PHE A 67 14.71 -34.02 13.50
CA PHE A 67 13.77 -34.92 12.85
C PHE A 67 14.35 -36.32 12.75
N LEU A 68 13.56 -37.28 13.22
CA LEU A 68 13.98 -38.68 13.30
C LEU A 68 12.94 -39.55 12.60
N THR A 69 13.27 -40.82 12.40
CA THR A 69 12.34 -41.78 11.81
C THR A 69 11.97 -42.85 12.83
N ASP A 70 10.73 -43.31 12.79
CA ASP A 70 10.30 -44.36 13.70
C ASP A 70 10.60 -45.74 13.10
N GLU A 71 10.09 -46.77 13.75
CA GLU A 71 10.39 -48.15 13.35
C GLU A 71 9.79 -48.49 11.99
N GLU A 72 8.73 -47.77 11.60
CA GLU A 72 8.09 -47.98 10.30
C GLU A 72 8.68 -47.05 9.23
N GLY A 73 9.71 -46.30 9.60
CA GLY A 73 10.40 -45.43 8.67
C GLY A 73 9.70 -44.10 8.44
N ARG A 74 8.73 -43.76 9.30
CA ARG A 74 8.01 -42.50 9.17
C ARG A 74 8.67 -41.40 10.01
N PRO A 75 8.70 -40.17 9.49
CA PRO A 75 9.37 -39.09 10.22
C PRO A 75 8.56 -38.53 11.39
N TYR A 76 9.26 -38.05 12.42
CA TYR A 76 8.64 -37.28 13.48
C TYR A 76 9.62 -36.21 13.95
N ARG A 77 9.10 -35.21 14.66
CA ARG A 77 9.92 -34.12 15.17
C ARG A 77 10.15 -34.29 16.68
N ALA A 78 11.40 -34.08 17.10
CA ALA A 78 11.77 -34.18 18.50
C ALA A 78 12.27 -32.84 19.01
N TYR A 79 11.79 -32.45 20.19
CA TYR A 79 12.13 -31.15 20.79
C TYR A 79 13.33 -31.27 21.72
N CYS A 80 14.34 -30.44 21.47
CA CYS A 80 15.60 -30.48 22.21
C CYS A 80 16.02 -29.09 22.71
N PRO A 81 15.58 -28.72 23.93
CA PRO A 81 15.98 -27.43 24.48
C PRO A 81 17.50 -27.22 24.50
N PRO A 82 17.97 -25.95 24.49
CA PRO A 82 19.40 -25.72 24.65
C PRO A 82 19.89 -26.10 26.05
N ALA A 83 21.20 -26.09 26.25
CA ALA A 83 21.78 -26.36 27.56
C ALA A 83 21.51 -25.21 28.51
N PRO A 84 21.57 -25.47 29.83
CA PRO A 84 21.40 -24.38 30.81
C PRO A 84 22.48 -23.32 30.69
N VAL A 96 20.06 -37.14 25.58
CA VAL A 96 19.29 -36.25 24.72
C VAL A 96 20.12 -35.03 24.33
N PRO A 97 20.38 -34.84 23.03
CA PRO A 97 21.23 -33.71 22.64
C PRO A 97 20.61 -32.35 22.97
N TYR A 98 21.46 -31.39 23.33
CA TYR A 98 21.03 -30.00 23.49
C TYR A 98 21.13 -29.29 22.16
N THR A 99 20.18 -28.42 21.86
CA THR A 99 20.31 -27.54 20.70
C THR A 99 21.48 -26.60 20.95
N PRO A 100 22.48 -26.61 20.05
CA PRO A 100 23.56 -25.62 20.20
C PRO A 100 23.11 -24.25 19.71
N VAL A 101 23.65 -23.20 20.32
CA VAL A 101 23.36 -21.84 19.89
C VAL A 101 24.67 -21.08 19.72
N LEU A 102 24.85 -20.53 18.52
CA LEU A 102 26.07 -19.80 18.18
C LEU A 102 25.74 -18.60 17.31
N LEU A 103 26.15 -17.43 17.77
CA LEU A 103 26.12 -16.23 16.93
C LEU A 103 27.55 -15.86 16.57
N ARG A 104 27.90 -16.07 15.31
CA ARG A 104 29.23 -15.70 14.85
C ARG A 104 29.33 -14.18 14.74
N HIS A 105 30.51 -13.65 15.03
CA HIS A 105 30.82 -12.26 14.73
C HIS A 105 31.94 -12.20 13.72
N ILE A 106 31.62 -11.69 12.54
CA ILE A 106 32.58 -11.54 11.47
C ILE A 106 32.80 -10.06 11.19
N ASP A 107 33.95 -9.57 11.61
CA ASP A 107 34.28 -8.15 11.47
C ASP A 107 34.91 -7.89 10.12
N LEU A 108 34.12 -7.36 9.19
CA LEU A 108 34.61 -6.99 7.88
C LEU A 108 34.86 -5.49 7.78
N SER A 109 34.87 -4.82 8.92
CA SER A 109 35.20 -3.40 8.98
C SER A 109 36.70 -3.25 8.74
N GLY A 110 37.05 -2.84 7.53
CA GLY A 110 38.43 -2.75 7.12
C GLY A 110 38.63 -3.40 5.76
N HIS A 111 37.70 -4.26 5.38
CA HIS A 111 37.76 -4.92 4.09
C HIS A 111 37.43 -3.93 2.98
N GLU A 112 37.98 -4.19 1.79
CA GLU A 112 37.74 -3.33 0.64
C GLU A 112 36.29 -3.39 0.19
N ASP A 113 35.70 -4.58 0.32
CA ASP A 113 34.32 -4.84 -0.09
C ASP A 113 33.59 -5.65 0.99
N PRO A 114 33.21 -4.99 2.10
CA PRO A 114 32.55 -5.70 3.19
C PRO A 114 31.25 -6.39 2.76
N GLU A 115 30.46 -5.70 1.94
CA GLU A 115 29.17 -6.24 1.50
C GLU A 115 29.37 -7.49 0.65
N GLY A 116 30.32 -7.44 -0.28
CA GLY A 116 30.60 -8.57 -1.15
C GLY A 116 31.12 -9.77 -0.38
N GLU A 117 32.01 -9.53 0.58
CA GLU A 117 32.55 -10.61 1.40
C GLU A 117 31.47 -11.26 2.24
N ALA A 118 30.55 -10.45 2.74
CA ALA A 118 29.43 -10.97 3.54
C ALA A 118 28.56 -11.89 2.69
N GLN A 119 28.28 -11.46 1.46
CA GLN A 119 27.45 -12.25 0.55
C GLN A 119 28.13 -13.58 0.25
N ARG A 120 29.44 -13.53 0.00
CA ARG A 120 30.21 -14.73 -0.27
C ARG A 120 30.15 -15.69 0.92
N TRP A 121 30.22 -15.14 2.13
CA TRP A 121 30.14 -15.95 3.34
C TRP A 121 28.79 -16.64 3.46
N MET A 122 27.73 -15.88 3.21
CA MET A 122 26.37 -16.42 3.30
C MET A 122 26.13 -17.49 2.24
N ASP A 123 26.64 -17.27 1.04
CA ASP A 123 26.50 -18.23 -0.04
C ASP A 123 27.18 -19.56 0.30
N ARG A 124 28.36 -19.47 0.90
CA ARG A 124 29.10 -20.66 1.28
C ARG A 124 28.41 -21.37 2.44
N ASP A 125 27.81 -20.61 3.34
CA ASP A 125 27.07 -21.22 4.45
C ASP A 125 25.84 -21.95 3.91
N ARG A 126 25.13 -21.30 3.00
CA ARG A 126 23.91 -21.85 2.43
C ARG A 126 24.18 -23.16 1.67
N ALA A 127 25.43 -23.35 1.26
CA ALA A 127 25.85 -24.55 0.55
C ALA A 127 26.21 -25.70 1.49
N THR A 128 26.15 -25.43 2.80
CA THR A 128 26.55 -26.41 3.80
C THR A 128 25.35 -27.26 4.24
N PRO A 129 25.42 -28.59 4.03
CA PRO A 129 24.30 -29.42 4.46
C PRO A 129 24.10 -29.41 5.97
N LEU A 130 22.84 -29.42 6.40
CA LEU A 130 22.48 -29.56 7.81
C LEU A 130 21.72 -30.86 8.02
N PRO A 131 22.40 -31.90 8.55
CA PRO A 131 21.72 -33.17 8.84
C PRO A 131 20.52 -32.98 9.76
N LEU A 132 19.39 -33.59 9.41
CA LEU A 132 18.14 -33.31 10.09
C LEU A 132 18.04 -33.92 11.48
N ASP A 133 18.92 -34.86 11.80
CA ASP A 133 18.88 -35.52 13.12
C ASP A 133 19.70 -34.77 14.17
N ARG A 134 20.29 -33.64 13.79
CA ARG A 134 21.02 -32.80 14.73
C ARG A 134 20.18 -31.56 15.04
N PRO A 135 19.85 -31.34 16.33
CA PRO A 135 18.92 -30.23 16.61
C PRO A 135 19.55 -28.85 16.41
N GLY A 136 18.72 -27.87 16.09
CA GLY A 136 19.19 -26.52 15.86
C GLY A 136 19.58 -26.33 14.40
N LEU A 137 18.59 -26.38 13.53
CA LEU A 137 18.81 -26.41 12.10
C LEU A 137 18.88 -24.99 11.55
N SER A 138 19.79 -24.21 12.11
CA SER A 138 19.98 -22.85 11.63
C SER A 138 21.43 -22.42 11.82
N SER A 139 21.76 -21.30 11.19
CA SER A 139 23.11 -20.75 11.21
C SER A 139 22.98 -19.24 11.32
N HIS A 140 23.72 -18.64 12.27
CA HIS A 140 23.57 -17.23 12.60
C HIS A 140 24.91 -16.52 12.57
N ALA A 141 24.95 -15.38 11.89
CA ALA A 141 26.15 -14.57 11.86
C ALA A 141 25.83 -13.09 11.88
N LEU A 142 26.58 -12.34 12.69
CA LEU A 142 26.53 -10.90 12.70
C LEU A 142 27.78 -10.37 12.00
N PHE A 143 27.58 -9.64 10.91
CA PHE A 143 28.69 -9.01 10.21
C PHE A 143 28.81 -7.54 10.62
N THR A 144 30.03 -7.10 10.88
CA THR A 144 30.33 -5.68 11.00
C THR A 144 30.86 -5.21 9.64
N LEU A 145 30.25 -4.17 9.08
CA LEU A 145 30.57 -3.75 7.70
C LEU A 145 31.34 -2.44 7.59
N GLY A 146 31.57 -1.77 8.72
CA GLY A 146 32.20 -0.46 8.68
C GLY A 146 31.15 0.62 8.53
N GLY A 147 31.50 1.84 8.95
CA GLY A 147 30.52 2.91 9.03
C GLY A 147 29.51 2.63 10.12
N GLY A 148 29.80 1.64 10.96
CA GLY A 148 28.90 1.25 12.03
C GLY A 148 27.79 0.33 11.57
N ARG A 149 27.72 0.09 10.26
CA ARG A 149 26.65 -0.73 9.70
C ARG A 149 26.87 -2.20 10.01
N HIS A 150 25.77 -2.94 10.14
CA HIS A 150 25.85 -4.37 10.41
C HIS A 150 24.95 -5.16 9.47
N LEU A 151 25.17 -6.47 9.45
CA LEU A 151 24.32 -7.38 8.71
C LEU A 151 24.12 -8.63 9.57
N TYR A 152 22.87 -8.98 9.82
CA TYR A 152 22.54 -10.21 10.54
C TYR A 152 22.05 -11.24 9.56
N TYR A 153 22.76 -12.36 9.47
CA TYR A 153 22.39 -13.45 8.57
C TYR A 153 21.68 -14.57 9.33
N LEU A 154 20.52 -14.94 8.82
CA LEU A 154 19.76 -16.07 9.32
C LEU A 154 19.69 -17.15 8.26
N GLY A 155 20.48 -18.21 8.45
CA GLY A 155 20.46 -19.35 7.57
C GLY A 155 19.67 -20.45 8.25
N VAL A 156 18.84 -21.15 7.49
CA VAL A 156 18.02 -22.21 8.07
C VAL A 156 17.91 -23.38 7.12
N HIS A 157 17.45 -24.49 7.66
CA HIS A 157 16.90 -25.55 6.83
C HIS A 157 15.43 -25.21 6.65
N HIS A 158 14.94 -25.30 5.41
CA HIS A 158 13.56 -24.94 5.13
C HIS A 158 12.56 -25.73 5.98
N ILE A 159 12.96 -26.91 6.47
CA ILE A 159 12.04 -27.73 7.23
C ILE A 159 11.66 -27.12 8.58
N VAL A 160 12.44 -26.17 9.09
CA VAL A 160 12.13 -25.57 10.39
C VAL A 160 11.61 -24.13 10.31
N ILE A 161 11.89 -23.44 9.21
CA ILE A 161 11.57 -22.01 9.12
C ILE A 161 11.12 -21.61 7.72
N ASP A 162 9.94 -21.01 7.64
CA ASP A 162 9.43 -20.41 6.40
C ASP A 162 9.55 -18.89 6.44
N GLY A 163 9.10 -18.23 5.38
CA GLY A 163 9.25 -16.79 5.28
C GLY A 163 8.59 -16.03 6.41
N THR A 164 7.36 -16.41 6.74
CA THR A 164 6.62 -15.80 7.83
C THR A 164 7.41 -15.91 9.14
N SER A 165 8.03 -17.06 9.34
CA SER A 165 8.71 -17.34 10.60
C SER A 165 10.03 -16.59 10.73
N MET A 166 10.64 -16.25 9.60
CA MET A 166 11.85 -15.41 9.62
C MET A 166 11.51 -14.08 10.29
N ALA A 167 10.38 -13.51 9.91
CA ALA A 167 9.93 -12.24 10.49
C ALA A 167 9.61 -12.40 11.97
N LEU A 168 8.98 -13.51 12.34
CA LEU A 168 8.67 -13.76 13.75
C LEU A 168 9.95 -13.83 14.56
N PHE A 169 10.96 -14.49 14.00
CA PHE A 169 12.25 -14.62 14.66
C PHE A 169 12.92 -13.26 14.87
N TYR A 170 13.03 -12.47 13.82
CA TYR A 170 13.75 -11.20 13.88
C TYR A 170 13.12 -10.27 14.91
N GLU A 171 11.79 -10.19 14.91
CA GLU A 171 11.09 -9.32 15.85
C GLU A 171 11.36 -9.73 17.29
N ARG A 172 11.33 -11.04 17.54
CA ARG A 172 11.58 -11.53 18.90
C ARG A 172 13.03 -11.27 19.31
N LEU A 173 13.95 -11.51 18.39
CA LEU A 173 15.37 -11.28 18.66
C LEU A 173 15.61 -9.84 19.09
N ALA A 174 15.05 -8.91 18.33
CA ALA A 174 15.20 -7.49 18.63
C ALA A 174 14.58 -7.15 19.98
N GLU A 175 13.41 -7.70 20.25
CA GLU A 175 12.71 -7.46 21.52
C GLU A 175 13.57 -7.86 22.70
N VAL A 176 14.18 -9.04 22.63
CA VAL A 176 15.05 -9.51 23.70
C VAL A 176 16.29 -8.65 23.83
N TYR A 177 16.87 -8.29 22.68
CA TYR A 177 18.08 -7.46 22.65
C TYR A 177 17.85 -6.11 23.33
N ARG A 178 16.71 -5.50 23.04
CA ARG A 178 16.39 -4.20 23.63
C ARG A 178 16.30 -4.29 25.15
N ALA A 179 15.69 -5.38 25.63
CA ALA A 179 15.52 -5.59 27.06
C ALA A 179 16.87 -5.78 27.75
N LEU A 180 17.73 -6.61 27.16
CA LEU A 180 19.06 -6.84 27.73
C LEU A 180 19.87 -5.55 27.72
N ARG A 181 19.64 -4.72 26.71
CA ARG A 181 20.35 -3.45 26.59
C ARG A 181 19.85 -2.39 27.57
N ASP A 182 18.54 -2.34 27.77
CA ASP A 182 17.94 -1.34 28.65
C ASP A 182 18.04 -1.73 30.13
N GLY A 183 18.40 -2.98 30.39
CA GLY A 183 18.42 -3.50 31.74
C GLY A 183 17.04 -3.99 32.16
N ARG A 184 16.06 -3.82 31.26
CA ARG A 184 14.69 -4.24 31.53
C ARG A 184 14.60 -5.76 31.57
N ALA A 185 13.57 -6.28 32.23
CA ALA A 185 13.32 -7.71 32.24
C ALA A 185 12.87 -8.13 30.85
N VAL A 186 13.35 -9.29 30.40
CA VAL A 186 13.00 -9.77 29.06
C VAL A 186 11.52 -10.12 29.00
N PRO A 187 10.76 -9.44 28.11
CA PRO A 187 9.34 -9.78 27.98
C PRO A 187 9.14 -11.24 27.61
N ALA A 188 8.05 -11.83 28.08
CA ALA A 188 7.75 -13.23 27.77
C ALA A 188 7.52 -13.37 26.27
N ALA A 189 8.02 -14.46 25.71
CA ALA A 189 7.75 -14.76 24.30
C ALA A 189 6.26 -14.98 24.11
N ALA A 190 5.78 -14.70 22.91
CA ALA A 190 4.37 -14.86 22.59
C ALA A 190 4.21 -15.65 21.30
N PHE A 191 4.69 -16.89 21.32
CA PHE A 191 4.55 -17.78 20.16
C PHE A 191 3.44 -18.79 20.41
N GLY A 192 2.97 -19.39 19.33
CA GLY A 192 1.92 -20.39 19.40
C GLY A 192 2.46 -21.80 19.46
N ASP A 193 1.56 -22.78 19.39
CA ASP A 193 1.90 -24.18 19.58
C ASP A 193 1.82 -24.98 18.28
N THR A 194 2.89 -25.68 17.96
CA THR A 194 2.97 -26.43 16.70
C THR A 194 2.02 -27.63 16.70
N ASP A 195 1.93 -28.33 17.82
CA ASP A 195 1.08 -29.52 17.89
C ASP A 195 -0.37 -29.17 17.52
N ARG A 196 -0.85 -28.05 18.03
CA ARG A 196 -2.23 -27.64 17.74
C ARG A 196 -2.38 -27.24 16.27
N MET A 197 -1.34 -26.63 15.70
CA MET A 197 -1.34 -26.24 14.29
C MET A 197 -1.41 -27.50 13.42
N VAL A 198 -0.61 -28.50 13.76
CA VAL A 198 -0.62 -29.77 13.05
C VAL A 198 -1.98 -30.48 13.19
N ALA A 199 -2.54 -30.42 14.39
CA ALA A 199 -3.86 -31.03 14.61
C ALA A 199 -4.91 -30.39 13.73
N GLY A 200 -4.77 -29.08 13.49
CA GLY A 200 -5.67 -28.36 12.61
C GLY A 200 -5.59 -28.88 11.19
N GLU A 201 -4.39 -29.18 10.73
CA GLU A 201 -4.19 -29.70 9.38
C GLU A 201 -4.81 -31.09 9.28
N GLU A 202 -4.60 -31.90 10.30
CA GLU A 202 -5.18 -33.24 10.36
C GLU A 202 -6.70 -33.17 10.30
N ALA A 203 -7.28 -32.21 11.01
CA ALA A 203 -8.73 -32.04 11.00
C ALA A 203 -9.20 -31.65 9.61
N TYR A 204 -8.42 -30.82 8.92
CA TYR A 204 -8.79 -30.41 7.57
C TYR A 204 -8.78 -31.61 6.63
N ARG A 205 -7.73 -32.43 6.72
CA ARG A 205 -7.61 -33.60 5.87
C ARG A 205 -8.78 -34.56 6.05
N ALA A 206 -9.34 -34.59 7.26
CA ALA A 206 -10.44 -35.49 7.59
C ALA A 206 -11.81 -34.88 7.31
N SER A 207 -11.83 -33.64 6.82
CA SER A 207 -13.07 -32.88 6.68
C SER A 207 -13.69 -33.01 5.28
N ALA A 208 -14.94 -32.58 5.16
CA ALA A 208 -15.63 -32.57 3.88
C ALA A 208 -15.00 -31.59 2.91
N ARG A 209 -14.35 -30.55 3.46
CA ARG A 209 -13.75 -29.52 2.62
C ARG A 209 -12.61 -30.08 1.78
N TYR A 210 -11.91 -31.07 2.32
CA TYR A 210 -10.76 -31.65 1.62
C TYR A 210 -11.19 -32.20 0.26
N GLU A 211 -12.28 -32.97 0.26
CA GLU A 211 -12.81 -33.56 -0.97
C GLU A 211 -13.20 -32.47 -1.97
N ARG A 212 -13.86 -31.42 -1.47
CA ARG A 212 -14.27 -30.31 -2.33
C ARG A 212 -13.06 -29.60 -2.93
N ASP A 213 -12.04 -29.38 -2.10
CA ASP A 213 -10.82 -28.72 -2.57
C ASP A 213 -10.12 -29.57 -3.63
N ARG A 214 -10.03 -30.86 -3.37
CA ARG A 214 -9.41 -31.79 -4.31
C ARG A 214 -10.10 -31.71 -5.68
N ALA A 215 -11.43 -31.71 -5.65
CA ALA A 215 -12.22 -31.63 -6.88
C ALA A 215 -11.99 -30.31 -7.60
N TYR A 216 -11.93 -29.22 -6.83
CA TYR A 216 -11.71 -27.89 -7.41
C TYR A 216 -10.40 -27.85 -8.18
N TRP A 217 -9.33 -28.29 -7.53
CA TRP A 217 -8.00 -28.15 -8.12
C TRP A 217 -7.76 -29.11 -9.27
N THR A 218 -8.22 -30.35 -9.14
CA THR A 218 -8.05 -31.31 -10.23
C THR A 218 -8.87 -30.88 -11.44
N GLY A 219 -10.05 -30.32 -11.20
CA GLY A 219 -10.92 -29.86 -12.26
C GLY A 219 -10.28 -28.78 -13.12
N LEU A 220 -9.52 -27.89 -12.47
CA LEU A 220 -8.87 -26.79 -13.16
C LEU A 220 -7.74 -27.22 -14.10
N PHE A 221 -7.19 -28.40 -13.86
CA PHE A 221 -5.99 -28.84 -14.58
C PHE A 221 -6.15 -30.21 -15.23
N THR A 222 -7.35 -30.50 -15.72
CA THR A 222 -7.60 -31.76 -16.40
C THR A 222 -6.72 -31.90 -17.65
N ASP A 223 -6.36 -30.78 -18.26
CA ASP A 223 -5.50 -30.80 -19.44
C ASP A 223 -4.02 -30.94 -19.08
N ARG A 224 -3.73 -30.83 -17.79
CA ARG A 224 -2.38 -31.09 -17.27
C ARG A 224 -1.29 -30.37 -18.06
N PRO A 225 -1.36 -29.03 -18.09
CA PRO A 225 -0.36 -28.24 -18.82
C PRO A 225 1.05 -28.46 -18.26
N GLU A 226 2.01 -28.69 -19.15
CA GLU A 226 3.38 -28.93 -18.74
C GLU A 226 4.01 -27.61 -18.29
N PRO A 227 4.74 -27.62 -17.17
CA PRO A 227 5.44 -26.39 -16.79
C PRO A 227 6.39 -25.92 -17.90
N VAL A 228 6.44 -24.61 -18.12
CA VAL A 228 7.32 -24.05 -19.14
C VAL A 228 8.28 -23.04 -18.52
N SER A 229 9.50 -23.05 -19.03
CA SER A 229 10.53 -22.09 -18.63
C SER A 229 10.67 -21.00 -19.67
N LEU A 230 11.16 -19.84 -19.26
CA LEU A 230 11.42 -18.73 -20.18
C LEU A 230 12.62 -19.05 -21.08
N ARG A 237 15.19 -31.10 -11.94
CA ARG A 237 14.84 -31.28 -10.54
C ARG A 237 15.07 -29.98 -9.76
N ALA A 238 14.49 -29.90 -8.56
CA ALA A 238 14.57 -28.68 -7.75
C ALA A 238 15.96 -28.53 -7.15
N LEU A 239 16.58 -27.37 -7.42
CA LEU A 239 17.95 -27.10 -7.01
C LEU A 239 18.04 -25.74 -6.33
N ALA A 240 19.02 -25.59 -5.45
CA ALA A 240 19.28 -24.29 -4.85
C ALA A 240 19.54 -23.29 -5.96
N PRO A 241 18.90 -22.11 -5.90
CA PRO A 241 18.99 -21.17 -7.03
C PRO A 241 20.27 -20.35 -7.06
N THR A 242 20.62 -19.93 -8.28
CA THR A 242 21.49 -18.78 -8.47
C THR A 242 20.62 -17.57 -8.26
N VAL A 243 21.07 -16.64 -7.42
CA VAL A 243 20.24 -15.50 -7.03
C VAL A 243 20.84 -14.21 -7.53
N ARG A 244 20.04 -13.43 -8.25
CA ARG A 244 20.44 -12.10 -8.68
C ARG A 244 19.42 -11.10 -8.17
N SER A 245 19.94 -10.06 -7.53
CA SER A 245 19.10 -9.11 -6.81
C SER A 245 19.20 -7.73 -7.43
N LEU A 246 18.06 -7.06 -7.58
CA LEU A 246 18.01 -5.73 -8.15
C LEU A 246 17.27 -4.81 -7.21
N GLY A 247 17.94 -3.75 -6.77
CA GLY A 247 17.31 -2.74 -5.92
C GLY A 247 16.61 -1.67 -6.74
N LEU A 248 15.36 -1.42 -6.41
CA LEU A 248 14.55 -0.42 -7.08
C LEU A 248 14.15 0.66 -6.07
N PRO A 249 14.61 1.91 -6.28
CA PRO A 249 14.23 2.95 -5.34
C PRO A 249 12.78 3.39 -5.55
N PRO A 250 12.22 4.14 -4.59
CA PRO A 250 10.83 4.61 -4.68
C PRO A 250 10.51 5.34 -5.99
N GLU A 251 11.47 6.05 -6.56
CA GLU A 251 11.25 6.75 -7.83
C GLU A 251 10.82 5.79 -8.92
N ARG A 252 11.25 4.53 -8.82
CA ARG A 252 10.89 3.51 -9.81
C ARG A 252 9.67 2.69 -9.40
N THR A 253 9.43 2.54 -8.09
CA THR A 253 8.42 1.60 -7.60
C THR A 253 7.08 2.25 -7.23
N GLU A 254 7.08 3.56 -6.99
CA GLU A 254 5.84 4.25 -6.62
C GLU A 254 4.73 4.03 -7.64
N VAL A 255 5.09 3.87 -8.90
CA VAL A 255 4.09 3.69 -9.95
C VAL A 255 3.23 2.45 -9.71
N LEU A 256 3.80 1.44 -9.04
CA LEU A 256 3.03 0.24 -8.70
C LEU A 256 1.91 0.56 -7.73
N GLY A 257 2.18 1.47 -6.80
CA GLY A 257 1.18 1.94 -5.87
C GLY A 257 0.08 2.71 -6.56
N ARG A 258 0.45 3.51 -7.56
CA ARG A 258 -0.53 4.29 -8.30
C ARG A 258 -1.42 3.36 -9.15
N ALA A 259 -0.83 2.30 -9.69
CA ALA A 259 -1.62 1.34 -10.45
C ALA A 259 -2.59 0.61 -9.52
N ALA A 260 -2.12 0.30 -8.32
CA ALA A 260 -2.95 -0.33 -7.32
C ALA A 260 -4.14 0.55 -6.95
N GLU A 261 -3.88 1.83 -6.70
CA GLU A 261 -4.96 2.77 -6.38
C GLU A 261 -5.99 2.84 -7.51
N ALA A 262 -5.49 2.89 -8.73
CA ALA A 262 -6.35 3.11 -9.89
C ALA A 262 -7.21 1.90 -10.21
N THR A 263 -6.62 0.71 -10.10
CA THR A 263 -7.34 -0.52 -10.40
C THR A 263 -8.16 -0.99 -9.20
N GLY A 264 -7.82 -0.49 -8.03
CA GLY A 264 -8.46 -0.92 -6.79
C GLY A 264 -7.94 -2.26 -6.30
N ALA A 265 -6.88 -2.76 -6.92
CA ALA A 265 -6.26 -4.02 -6.52
C ALA A 265 -5.05 -3.78 -5.65
N HIS A 266 -4.81 -4.68 -4.70
CA HIS A 266 -3.60 -4.61 -3.88
C HIS A 266 -2.37 -4.72 -4.79
N TRP A 267 -1.29 -4.03 -4.44
CA TRP A 267 -0.17 -3.93 -5.37
C TRP A 267 0.47 -5.27 -5.69
N ALA A 268 0.36 -6.25 -4.79
CA ALA A 268 0.92 -7.58 -5.09
C ALA A 268 0.18 -8.22 -6.26
N ARG A 269 -1.11 -7.93 -6.36
CA ARG A 269 -1.91 -8.42 -7.49
C ARG A 269 -1.46 -7.77 -8.78
N VAL A 270 -1.08 -6.50 -8.70
CA VAL A 270 -0.56 -5.78 -9.87
C VAL A 270 0.74 -6.44 -10.33
N VAL A 271 1.59 -6.83 -9.38
CA VAL A 271 2.84 -7.49 -9.73
C VAL A 271 2.58 -8.86 -10.37
N ILE A 272 1.68 -9.64 -9.79
CA ILE A 272 1.34 -10.93 -10.36
C ILE A 272 0.81 -10.76 -11.78
N ALA A 273 -0.07 -9.79 -11.98
CA ALA A 273 -0.59 -9.49 -13.31
C ALA A 273 0.55 -9.11 -14.26
N GLY A 274 1.52 -8.37 -13.74
CA GLY A 274 2.68 -7.98 -14.51
C GLY A 274 3.51 -9.17 -14.98
N VAL A 275 3.72 -10.14 -14.09
CA VAL A 275 4.42 -11.36 -14.47
C VAL A 275 3.61 -12.11 -15.52
N ALA A 276 2.30 -12.24 -15.32
CA ALA A 276 1.45 -12.92 -16.29
C ALA A 276 1.53 -12.25 -17.66
N ALA A 277 1.46 -10.93 -17.67
CA ALA A 277 1.54 -10.17 -18.92
C ALA A 277 2.91 -10.33 -19.57
N PHE A 278 3.95 -10.34 -18.75
CA PHE A 278 5.32 -10.53 -19.23
C PHE A 278 5.49 -11.90 -19.90
N LEU A 279 4.98 -12.94 -19.24
CA LEU A 279 5.05 -14.28 -19.79
C LEU A 279 4.26 -14.37 -21.09
N HIS A 280 3.07 -13.77 -21.09
CA HIS A 280 2.22 -13.79 -22.29
C HIS A 280 2.88 -13.07 -23.47
N ARG A 281 3.46 -11.89 -23.20
CA ARG A 281 4.06 -11.09 -24.26
C ARG A 281 5.32 -11.74 -24.81
N THR A 282 6.05 -12.42 -23.93
CA THR A 282 7.31 -13.06 -24.32
C THR A 282 7.05 -14.27 -25.21
N THR A 283 6.12 -15.13 -24.80
CA THR A 283 5.88 -16.40 -25.47
C THR A 283 4.69 -16.37 -26.41
N GLY A 284 3.82 -15.38 -26.24
CA GLY A 284 2.59 -15.30 -27.02
C GLY A 284 1.50 -16.24 -26.52
N ALA A 285 1.81 -16.99 -25.46
CA ALA A 285 0.89 -18.02 -24.97
C ALA A 285 -0.39 -17.42 -24.37
N ARG A 286 -1.51 -18.01 -24.74
CA ARG A 286 -2.84 -17.62 -24.24
C ARG A 286 -2.95 -17.89 -22.74
N ASP A 287 -2.68 -19.13 -22.36
CA ASP A 287 -2.83 -19.54 -20.97
C ASP A 287 -1.48 -19.57 -20.29
N VAL A 288 -1.36 -18.77 -19.23
CA VAL A 288 -0.13 -18.68 -18.48
C VAL A 288 -0.35 -19.20 -17.06
N VAL A 289 0.68 -19.84 -16.53
CA VAL A 289 0.66 -20.32 -15.15
C VAL A 289 1.77 -19.62 -14.37
N VAL A 290 1.40 -19.10 -13.20
CA VAL A 290 2.38 -18.69 -12.22
C VAL A 290 2.05 -19.42 -10.94
N SER A 291 3.05 -19.60 -10.08
CA SER A 291 2.84 -20.24 -8.79
C SER A 291 2.89 -19.19 -7.69
N VAL A 292 1.96 -19.31 -6.75
CA VAL A 292 1.80 -18.32 -5.69
C VAL A 292 1.94 -18.99 -4.33
N PRO A 293 2.84 -18.47 -3.48
CA PRO A 293 2.86 -18.98 -2.10
C PRO A 293 1.76 -18.39 -1.23
N VAL A 294 1.22 -19.21 -0.33
CA VAL A 294 0.36 -18.73 0.75
C VAL A 294 0.94 -19.26 2.05
N THR A 295 0.62 -18.63 3.18
CA THR A 295 1.32 -18.96 4.41
C THR A 295 0.92 -20.31 4.98
N GLY A 296 -0.29 -20.77 4.66
CA GLY A 296 -0.79 -22.01 5.23
C GLY A 296 -1.12 -21.89 6.71
N ARG A 297 -1.26 -20.65 7.18
CA ARG A 297 -1.56 -20.38 8.58
C ARG A 297 -3.02 -19.97 8.75
N TYR A 298 -3.77 -20.80 9.47
CA TYR A 298 -5.20 -20.59 9.68
C TYR A 298 -5.51 -20.49 11.16
N GLY A 299 -5.93 -19.29 11.57
CA GLY A 299 -6.26 -19.03 12.95
C GLY A 299 -5.13 -18.33 13.68
N ALA A 300 -5.43 -17.80 14.85
CA ALA A 300 -4.50 -16.96 15.58
C ALA A 300 -3.26 -17.72 16.03
N ASN A 301 -3.45 -18.94 16.53
CA ASN A 301 -2.33 -19.74 17.00
C ASN A 301 -1.32 -20.01 15.89
N ALA A 302 -1.84 -20.45 14.75
CA ALA A 302 -0.98 -20.77 13.62
C ALA A 302 -0.20 -19.56 13.14
N ARG A 303 -0.82 -18.38 13.18
CA ARG A 303 -0.19 -17.17 12.67
C ARG A 303 1.10 -16.81 13.43
N ILE A 304 1.18 -17.18 14.70
CA ILE A 304 2.32 -16.81 15.54
C ILE A 304 3.17 -18.01 15.99
N THR A 305 3.11 -19.10 15.23
CA THR A 305 3.91 -20.28 15.53
C THR A 305 5.07 -20.42 14.55
N PRO A 306 6.29 -20.11 15.00
CA PRO A 306 7.42 -20.29 14.09
C PRO A 306 7.53 -21.74 13.60
N GLY A 307 7.76 -21.92 12.32
CA GLY A 307 7.77 -23.25 11.75
C GLY A 307 7.82 -23.20 10.24
N MET A 308 7.37 -24.29 9.62
CA MET A 308 7.32 -24.41 8.18
C MET A 308 5.96 -24.98 7.81
N VAL A 309 5.07 -24.14 7.29
CA VAL A 309 3.72 -24.58 6.92
C VAL A 309 3.28 -24.03 5.57
N SER A 310 4.14 -23.25 4.92
CA SER A 310 3.75 -22.59 3.68
C SER A 310 3.33 -23.56 2.58
N ASN A 311 2.48 -23.06 1.71
CA ASN A 311 1.91 -23.82 0.61
C ASN A 311 2.17 -23.05 -0.69
N ARG A 312 2.21 -23.76 -1.80
CA ARG A 312 2.37 -23.13 -3.11
C ARG A 312 1.33 -23.67 -4.06
N LEU A 313 0.57 -22.78 -4.67
CA LEU A 313 -0.53 -23.19 -5.54
C LEU A 313 -0.46 -22.53 -6.91
N PRO A 314 -0.95 -23.22 -7.94
CA PRO A 314 -0.86 -22.73 -9.31
C PRO A 314 -1.98 -21.76 -9.64
N LEU A 315 -1.60 -20.61 -10.18
CA LEU A 315 -2.56 -19.60 -10.61
C LEU A 315 -2.61 -19.61 -12.13
N ARG A 316 -3.73 -20.07 -12.67
CA ARG A 316 -3.88 -20.17 -14.10
C ARG A 316 -4.65 -18.98 -14.63
N LEU A 317 -4.07 -18.34 -15.65
CA LEU A 317 -4.55 -17.06 -16.16
C LEU A 317 -4.62 -17.10 -17.68
N ALA A 318 -5.78 -16.75 -18.23
CA ALA A 318 -5.91 -16.60 -19.67
C ALA A 318 -5.75 -15.13 -20.03
N VAL A 319 -4.82 -14.84 -20.94
CA VAL A 319 -4.61 -13.49 -21.45
C VAL A 319 -5.01 -13.49 -22.92
N ARG A 320 -6.19 -12.95 -23.19
CA ARG A 320 -6.75 -12.98 -24.54
C ARG A 320 -6.29 -11.78 -25.34
N PRO A 321 -6.35 -11.87 -26.68
CA PRO A 321 -5.92 -10.74 -27.49
C PRO A 321 -6.68 -9.46 -27.19
N GLY A 322 -5.97 -8.34 -27.11
CA GLY A 322 -6.60 -7.03 -27.03
C GLY A 322 -6.95 -6.58 -25.63
N GLU A 323 -6.68 -7.42 -24.64
CA GLU A 323 -7.00 -7.07 -23.25
C GLU A 323 -6.06 -6.01 -22.71
N SER A 324 -6.60 -5.13 -21.86
CA SER A 324 -5.79 -4.12 -21.19
C SER A 324 -5.05 -4.72 -20.00
N PHE A 325 -4.07 -3.99 -19.47
CA PHE A 325 -3.38 -4.46 -18.28
C PHE A 325 -4.38 -4.50 -17.12
N ALA A 326 -5.26 -3.52 -17.05
CA ALA A 326 -6.30 -3.52 -16.01
C ALA A 326 -7.16 -4.76 -16.10
N ARG A 327 -7.42 -5.23 -17.31
CA ARG A 327 -8.20 -6.45 -17.48
C ARG A 327 -7.45 -7.67 -16.97
N VAL A 328 -6.14 -7.70 -17.18
CA VAL A 328 -5.34 -8.81 -16.67
C VAL A 328 -5.33 -8.79 -15.14
N VAL A 329 -5.28 -7.60 -14.55
CA VAL A 329 -5.39 -7.49 -13.09
C VAL A 329 -6.71 -8.09 -12.61
N GLU A 330 -7.79 -7.83 -13.33
CA GLU A 330 -9.09 -8.40 -12.99
C GLU A 330 -9.07 -9.93 -13.10
N THR A 331 -8.41 -10.43 -14.15
CA THR A 331 -8.28 -11.87 -14.36
C THR A 331 -7.54 -12.50 -13.19
N VAL A 332 -6.48 -11.83 -12.75
CA VAL A 332 -5.70 -12.29 -11.60
C VAL A 332 -6.57 -12.31 -10.34
N SER A 333 -7.33 -11.25 -10.14
CA SER A 333 -8.20 -11.16 -8.97
C SER A 333 -9.23 -12.29 -8.93
N GLU A 334 -9.81 -12.61 -10.09
CA GLU A 334 -10.81 -13.68 -10.18
C GLU A 334 -10.18 -15.04 -9.87
N ALA A 335 -9.01 -15.29 -10.43
CA ALA A 335 -8.32 -16.54 -10.22
C ALA A 335 -7.86 -16.68 -8.77
N MET A 336 -7.36 -15.58 -8.19
CA MET A 336 -6.89 -15.61 -6.81
C MET A 336 -8.04 -15.86 -5.84
N SER A 337 -9.22 -15.34 -6.15
CA SER A 337 -10.38 -15.59 -5.29
C SER A 337 -10.61 -17.09 -5.14
N GLY A 338 -10.49 -17.82 -6.24
CA GLY A 338 -10.68 -19.26 -6.21
C GLY A 338 -9.54 -19.97 -5.51
N LEU A 339 -8.33 -19.50 -5.75
CA LEU A 339 -7.15 -20.07 -5.10
C LEU A 339 -7.26 -19.93 -3.58
N LEU A 340 -7.62 -18.74 -3.13
CA LEU A 340 -7.72 -18.48 -1.69
C LEU A 340 -8.83 -19.27 -1.04
N ALA A 341 -9.92 -19.47 -1.79
CA ALA A 341 -11.09 -20.19 -1.27
C ALA A 341 -10.82 -21.68 -1.10
N HIS A 342 -9.76 -22.18 -1.75
CA HIS A 342 -9.39 -23.59 -1.67
C HIS A 342 -7.91 -23.74 -1.31
N SER A 343 -7.41 -22.79 -0.52
CA SER A 343 -5.97 -22.68 -0.26
C SER A 343 -5.38 -23.76 0.64
N ARG A 344 -6.23 -24.53 1.34
CA ARG A 344 -5.71 -25.51 2.28
C ARG A 344 -5.24 -26.79 1.57
N PHE A 345 -5.64 -26.96 0.32
CA PHE A 345 -5.20 -28.13 -0.43
C PHE A 345 -3.73 -27.95 -0.78
N ARG A 346 -2.95 -28.98 -0.52
CA ARG A 346 -1.50 -28.90 -0.67
C ARG A 346 -1.07 -28.95 -2.13
N GLY A 347 -0.18 -28.04 -2.51
CA GLY A 347 0.31 -27.99 -3.88
C GLY A 347 0.98 -29.29 -4.28
N GLU A 348 1.72 -29.88 -3.35
CA GLU A 348 2.44 -31.11 -3.65
C GLU A 348 1.47 -32.29 -3.77
N ASP A 349 0.31 -32.18 -3.13
CA ASP A 349 -0.72 -33.21 -3.30
C ASP A 349 -1.35 -33.12 -4.68
N LEU A 350 -1.62 -31.89 -5.15
CA LEU A 350 -2.17 -31.70 -6.47
C LEU A 350 -1.24 -32.28 -7.52
N ASP A 351 0.05 -31.99 -7.38
CA ASP A 351 1.05 -32.51 -8.31
C ASP A 351 1.07 -34.02 -8.34
N ARG A 352 0.96 -34.64 -7.16
CA ARG A 352 1.01 -36.10 -7.07
C ARG A 352 -0.18 -36.74 -7.77
N GLU A 353 -1.34 -36.07 -7.74
CA GLU A 353 -2.54 -36.61 -8.36
C GLU A 353 -2.53 -36.43 -9.87
N LEU A 354 -2.07 -35.28 -10.33
CA LEU A 354 -1.98 -35.02 -11.77
C LEU A 354 -0.86 -35.86 -12.38
N GLY A 355 0.22 -36.03 -11.63
CA GLY A 355 1.34 -36.87 -12.05
C GLY A 355 2.41 -36.08 -12.79
N GLY A 356 3.49 -36.78 -13.13
CA GLY A 356 4.58 -36.19 -13.88
C GLY A 356 5.24 -35.04 -13.17
N ALA A 357 5.43 -33.94 -13.89
CA ALA A 357 6.11 -32.76 -13.35
C ALA A 357 5.13 -31.87 -12.58
N GLY A 358 3.86 -32.25 -12.57
CA GLY A 358 2.85 -31.45 -11.90
C GLY A 358 2.53 -30.19 -12.68
N VAL A 359 1.99 -29.19 -12.00
CA VAL A 359 1.65 -27.93 -12.62
C VAL A 359 2.27 -26.78 -11.85
N SER A 360 2.89 -25.86 -12.57
CA SER A 360 3.60 -24.75 -11.96
C SER A 360 4.03 -23.76 -13.02
N GLY A 361 4.35 -22.55 -12.55
CA GLY A 361 5.03 -21.56 -13.35
C GLY A 361 6.07 -20.92 -12.47
N PRO A 362 6.64 -19.80 -12.90
CA PRO A 362 7.54 -19.10 -11.98
C PRO A 362 6.83 -18.80 -10.66
N THR A 363 7.51 -18.99 -9.54
CA THR A 363 6.93 -18.63 -8.26
C THR A 363 7.02 -17.12 -8.10
N VAL A 364 5.87 -16.48 -7.88
CA VAL A 364 5.82 -15.05 -7.65
C VAL A 364 5.52 -14.80 -6.19
N ASN A 365 6.56 -14.40 -5.46
CA ASN A 365 6.51 -14.25 -4.02
C ASN A 365 6.68 -12.79 -3.63
N VAL A 366 5.56 -12.09 -3.51
CA VAL A 366 5.55 -10.71 -3.05
C VAL A 366 5.45 -10.79 -1.54
N MET A 367 6.57 -10.60 -0.85
N MET A 367 6.57 -10.57 -0.87
CA MET A 367 6.58 -10.81 0.59
CA MET A 367 6.63 -10.72 0.58
C MET A 367 5.73 -9.75 1.28
C MET A 367 5.70 -9.72 1.28
N PRO A 368 5.02 -10.16 2.34
CA PRO A 368 4.16 -9.24 3.06
C PRO A 368 4.99 -8.17 3.76
N TYR A 369 4.36 -7.07 4.12
CA TYR A 369 5.07 -5.99 4.75
C TYR A 369 5.66 -6.45 6.08
N ILE A 370 6.91 -6.05 6.30
CA ILE A 370 7.56 -6.25 7.58
C ILE A 370 8.07 -4.89 8.05
N ARG A 371 7.68 -4.51 9.25
CA ARG A 371 8.14 -3.25 9.82
C ARG A 371 9.63 -3.34 10.05
N PRO A 372 10.36 -2.24 9.82
CA PRO A 372 11.78 -2.23 10.17
C PRO A 372 12.01 -2.73 11.60
N VAL A 373 12.97 -3.62 11.76
CA VAL A 373 13.23 -4.26 13.04
C VAL A 373 14.01 -3.31 13.95
N ASP A 374 13.45 -3.05 15.14
CA ASP A 374 13.99 -2.02 16.03
C ASP A 374 14.90 -2.62 17.11
N PHE A 375 16.20 -2.33 17.00
CA PHE A 375 17.17 -2.82 17.98
C PHE A 375 17.45 -1.78 19.05
N GLY A 376 16.55 -0.81 19.20
CA GLY A 376 16.68 0.21 20.22
C GLY A 376 17.57 1.36 19.76
N GLY A 377 17.35 1.80 18.53
CA GLY A 377 18.17 2.82 17.90
C GLY A 377 18.51 2.36 16.50
N PRO A 378 19.44 1.38 16.38
CA PRO A 378 19.68 0.75 15.09
C PRO A 378 18.41 0.08 14.56
N VAL A 379 18.20 0.15 13.25
CA VAL A 379 17.03 -0.44 12.62
C VAL A 379 17.47 -1.45 11.57
N GLY A 380 16.75 -2.56 11.49
CA GLY A 380 17.08 -3.63 10.56
C GLY A 380 16.05 -3.80 9.45
N LEU A 381 16.54 -3.77 8.21
CA LEU A 381 15.70 -3.98 7.04
C LEU A 381 15.96 -5.36 6.45
N MET A 382 14.91 -6.16 6.31
CA MET A 382 15.07 -7.54 5.88
C MET A 382 15.29 -7.62 4.37
N ARG A 383 16.18 -8.52 3.96
CA ARG A 383 16.28 -8.87 2.55
C ARG A 383 16.50 -10.37 2.41
N SER A 384 15.96 -10.91 1.31
CA SER A 384 16.01 -12.33 1.05
C SER A 384 17.39 -12.73 0.56
N ILE A 385 17.85 -13.91 0.95
CA ILE A 385 19.11 -14.47 0.45
C ILE A 385 18.81 -15.63 -0.48
N SER A 386 17.94 -16.52 -0.02
CA SER A 386 17.45 -17.62 -0.85
C SER A 386 16.15 -18.14 -0.27
N SER A 387 15.08 -18.09 -1.06
CA SER A 387 13.75 -18.43 -0.55
C SER A 387 13.44 -19.92 -0.64
N GLY A 388 14.20 -20.66 -1.44
CA GLY A 388 13.98 -22.09 -1.58
C GLY A 388 14.45 -22.60 -2.93
N PRO A 389 14.55 -23.93 -3.07
CA PRO A 389 15.00 -24.50 -4.34
C PRO A 389 13.94 -24.37 -5.43
N THR A 390 14.36 -24.47 -6.68
CA THR A 390 13.43 -24.31 -7.79
C THR A 390 13.82 -25.16 -8.99
N THR A 391 12.81 -25.60 -9.72
CA THR A 391 13.01 -26.30 -10.98
C THR A 391 13.18 -25.31 -12.14
N ASP A 392 12.86 -24.05 -11.88
CA ASP A 392 12.88 -23.04 -12.92
C ASP A 392 13.25 -21.67 -12.35
N LEU A 393 12.26 -20.93 -11.86
CA LEU A 393 12.48 -19.55 -11.42
C LEU A 393 11.57 -19.15 -10.27
N ASN A 394 12.16 -18.52 -9.24
CA ASN A 394 11.39 -17.79 -8.24
C ASN A 394 11.62 -16.31 -8.45
N ILE A 395 10.54 -15.54 -8.35
CA ILE A 395 10.62 -14.09 -8.36
C ILE A 395 10.20 -13.60 -6.98
N VAL A 396 11.13 -13.03 -6.25
CA VAL A 396 10.91 -12.64 -4.86
C VAL A 396 11.01 -11.13 -4.73
N LEU A 397 9.99 -10.52 -4.14
CA LEU A 397 10.00 -9.09 -3.87
C LEU A 397 9.94 -8.84 -2.39
N THR A 398 10.78 -7.91 -1.93
CA THR A 398 10.70 -7.41 -0.57
C THR A 398 10.63 -5.89 -0.63
N GLY A 399 9.85 -5.30 0.25
CA GLY A 399 9.65 -3.86 0.26
C GLY A 399 8.21 -3.51 -0.11
N THR A 400 8.00 -2.24 -0.42
CA THR A 400 6.70 -1.74 -0.82
C THR A 400 6.87 -0.71 -1.94
N PRO A 401 5.78 -0.39 -2.65
CA PRO A 401 5.90 0.64 -3.68
C PRO A 401 6.44 1.97 -3.12
N GLU A 402 6.04 2.32 -1.90
CA GLU A 402 6.42 3.60 -1.30
C GLU A 402 7.85 3.62 -0.77
N SER A 403 8.34 2.46 -0.29
CA SER A 403 9.65 2.41 0.36
C SER A 403 10.74 1.89 -0.58
N GLY A 404 10.34 1.38 -1.73
CA GLY A 404 11.27 0.79 -2.68
C GLY A 404 11.28 -0.71 -2.55
N LEU A 405 11.84 -1.39 -3.55
CA LEU A 405 11.79 -2.84 -3.63
C LEU A 405 13.17 -3.45 -3.87
N ARG A 406 13.33 -4.67 -3.36
CA ARG A 406 14.41 -5.53 -3.81
C ARG A 406 13.76 -6.67 -4.57
N VAL A 407 14.17 -6.84 -5.82
CA VAL A 407 13.64 -7.89 -6.67
C VAL A 407 14.71 -8.95 -6.87
N ASP A 408 14.44 -10.16 -6.38
CA ASP A 408 15.37 -11.27 -6.53
C ASP A 408 14.85 -12.26 -7.56
N PHE A 409 15.66 -12.52 -8.57
CA PHE A 409 15.39 -13.61 -9.50
C PHE A 409 16.24 -14.80 -9.08
N GLU A 410 15.56 -15.86 -8.66
CA GLU A 410 16.22 -17.07 -8.19
C GLU A 410 16.04 -18.16 -9.24
N GLY A 411 17.11 -18.43 -9.99
CA GLY A 411 17.06 -19.34 -11.12
C GLY A 411 17.73 -20.68 -10.85
N ASN A 412 17.09 -21.75 -11.31
CA ASN A 412 17.72 -23.05 -11.35
C ASN A 412 19.00 -22.96 -12.17
N PRO A 413 20.15 -23.37 -11.60
CA PRO A 413 21.43 -23.14 -12.28
C PRO A 413 21.63 -23.96 -13.55
N GLN A 414 20.82 -24.99 -13.76
CA GLN A 414 20.89 -25.77 -15.00
C GLN A 414 20.07 -25.12 -16.11
N VAL A 415 19.30 -24.08 -15.74
CA VAL A 415 18.43 -23.38 -16.67
C VAL A 415 18.93 -21.96 -16.93
N TYR A 416 19.34 -21.28 -15.87
CA TYR A 416 19.77 -19.88 -15.95
C TYR A 416 21.20 -19.69 -15.47
N GLY A 417 21.96 -18.88 -16.21
CA GLY A 417 23.21 -18.35 -15.71
C GLY A 417 22.94 -17.05 -14.99
N GLY A 418 23.91 -16.59 -14.19
CA GLY A 418 23.78 -15.34 -13.47
C GLY A 418 23.47 -14.17 -14.38
N GLN A 419 24.23 -14.04 -15.46
CA GLN A 419 24.03 -12.97 -16.42
C GLN A 419 22.62 -13.02 -17.04
N ASP A 420 22.16 -14.23 -17.34
CA ASP A 420 20.82 -14.42 -17.89
C ASP A 420 19.75 -13.85 -16.96
N LEU A 421 19.90 -14.12 -15.66
CA LEU A 421 18.93 -13.68 -14.68
C LEU A 421 18.95 -12.16 -14.56
N THR A 422 20.14 -11.58 -14.63
CA THR A 422 20.29 -10.12 -14.58
C THR A 422 19.56 -9.47 -15.75
N VAL A 423 19.77 -10.00 -16.95
CA VAL A 423 19.11 -9.49 -18.14
C VAL A 423 17.60 -9.62 -18.05
N LEU A 424 17.13 -10.80 -17.68
CA LEU A 424 15.70 -11.08 -17.59
C LEU A 424 15.00 -10.18 -16.57
N GLN A 425 15.65 -10.02 -15.43
CA GLN A 425 15.08 -9.26 -14.34
C GLN A 425 14.97 -7.77 -14.68
N GLU A 426 15.97 -7.22 -15.37
CA GLU A 426 15.88 -5.83 -15.81
C GLU A 426 14.79 -5.66 -16.87
N ARG A 427 14.70 -6.62 -17.78
CA ARG A 427 13.68 -6.60 -18.81
C ARG A 427 12.28 -6.65 -18.21
N PHE A 428 12.11 -7.52 -17.23
CA PHE A 428 10.81 -7.66 -16.58
C PHE A 428 10.40 -6.39 -15.86
N VAL A 429 11.31 -5.83 -15.06
CA VAL A 429 10.98 -4.64 -14.28
C VAL A 429 10.64 -3.46 -15.19
N ARG A 430 11.31 -3.34 -16.34
CA ARG A 430 11.01 -2.27 -17.28
C ARG A 430 9.60 -2.43 -17.85
N PHE A 431 9.25 -3.67 -18.21
CA PHE A 431 7.93 -3.96 -18.75
C PHE A 431 6.86 -3.73 -17.70
N LEU A 432 7.09 -4.24 -16.49
CA LEU A 432 6.19 -4.04 -15.36
C LEU A 432 5.89 -2.56 -15.12
N ALA A 433 6.94 -1.74 -15.11
CA ALA A 433 6.79 -0.32 -14.84
C ALA A 433 5.98 0.38 -15.94
N GLU A 434 6.19 -0.04 -17.18
CA GLU A 434 5.45 0.50 -18.31
C GLU A 434 3.96 0.16 -18.23
N LEU A 435 3.66 -1.08 -17.86
CA LEU A 435 2.29 -1.52 -17.67
C LEU A 435 1.61 -0.73 -16.56
N ALA A 436 2.29 -0.62 -15.43
CA ALA A 436 1.74 0.04 -14.26
C ALA A 436 1.46 1.52 -14.52
N ALA A 437 2.26 2.12 -15.40
CA ALA A 437 2.14 3.55 -15.69
C ALA A 437 0.84 3.89 -16.43
N ASP A 438 0.28 2.89 -17.12
CA ASP A 438 -1.00 3.07 -17.81
C ASP A 438 -1.75 1.75 -17.93
N PRO A 439 -2.51 1.39 -16.89
CA PRO A 439 -3.23 0.11 -16.89
C PRO A 439 -4.28 -0.01 -17.98
N ALA A 440 -4.70 1.11 -18.57
CA ALA A 440 -5.71 1.08 -19.63
C ALA A 440 -5.10 0.64 -20.96
N ALA A 441 -3.78 0.62 -21.04
CA ALA A 441 -3.10 0.25 -22.28
C ALA A 441 -3.33 -1.21 -22.63
N THR A 442 -3.38 -1.49 -23.92
CA THR A 442 -3.55 -2.85 -24.42
C THR A 442 -2.22 -3.60 -24.30
N VAL A 443 -2.23 -4.70 -23.57
CA VAL A 443 -1.01 -5.44 -23.31
C VAL A 443 -0.27 -5.86 -24.59
N ASP A 444 -1.03 -6.31 -25.58
N ASP A 444 -0.99 -6.33 -25.60
CA ASP A 444 -0.48 -6.77 -26.86
CA ASP A 444 -0.30 -6.82 -26.79
C ASP A 444 0.25 -5.67 -27.62
C ASP A 444 0.12 -5.67 -27.72
N GLU A 445 -0.05 -4.43 -27.28
CA GLU A 445 0.48 -3.27 -27.99
C GLU A 445 1.63 -2.62 -27.23
N VAL A 446 1.83 -3.02 -25.98
CA VAL A 446 2.94 -2.49 -25.18
C VAL A 446 4.25 -3.10 -25.67
N ALA A 447 5.22 -2.25 -25.98
CA ALA A 447 6.50 -2.73 -26.48
C ALA A 447 7.28 -3.45 -25.39
N LEU A 448 7.59 -4.71 -25.65
CA LEU A 448 8.48 -5.49 -24.80
C LEU A 448 9.87 -5.45 -25.42
N LEU A 449 10.77 -4.70 -24.79
CA LEU A 449 12.10 -4.48 -25.34
C LEU A 449 13.10 -5.44 -24.72
N THR A 450 14.01 -5.96 -25.53
CA THR A 450 14.96 -6.97 -25.06
C THR A 450 16.12 -6.34 -24.30
N SER B 7 -5.94 39.95 -21.27
CA SER B 7 -7.04 40.20 -22.18
C SER B 7 -7.63 38.89 -22.70
N VAL B 8 -6.83 37.83 -22.69
CA VAL B 8 -7.29 36.51 -23.10
C VAL B 8 -8.30 35.98 -22.09
N ARG B 9 -9.41 35.46 -22.59
CA ARG B 9 -10.47 34.92 -21.73
C ARG B 9 -10.45 33.39 -21.72
N HIS B 10 -10.20 32.83 -20.55
CA HIS B 10 -10.06 31.38 -20.40
C HIS B 10 -11.35 30.76 -19.87
N GLY B 11 -11.70 29.61 -20.43
CA GLY B 11 -12.87 28.88 -20.00
C GLY B 11 -12.64 28.16 -18.68
N LEU B 12 -13.71 28.03 -17.91
CA LEU B 12 -13.67 27.30 -16.65
C LEU B 12 -13.87 25.81 -16.87
N THR B 13 -13.24 25.00 -16.02
CA THR B 13 -13.53 23.57 -15.97
C THR B 13 -14.93 23.38 -15.41
N SER B 14 -15.48 22.18 -15.54
CA SER B 14 -16.78 21.87 -14.97
C SER B 14 -16.78 22.11 -13.46
N ALA B 15 -15.71 21.66 -12.79
CA ALA B 15 -15.61 21.82 -11.34
C ALA B 15 -15.55 23.29 -10.97
N GLN B 16 -14.84 24.09 -11.76
CA GLN B 16 -14.73 25.51 -11.49
C GLN B 16 -16.09 26.20 -11.69
N HIS B 17 -16.84 25.76 -12.69
N HIS B 17 -16.82 25.77 -12.71
CA HIS B 17 -18.16 26.31 -12.91
CA HIS B 17 -18.17 26.27 -12.94
C HIS B 17 -19.08 25.95 -11.75
C HIS B 17 -19.06 25.94 -11.75
N CYS B 18 -18.91 24.74 -11.23
CA CYS B 18 -19.68 24.28 -10.08
C CYS B 18 -19.45 25.19 -8.88
N VAL B 19 -18.18 25.43 -8.56
CA VAL B 19 -17.83 26.33 -7.45
C VAL B 19 -18.33 27.75 -7.69
N TRP B 20 -18.11 28.24 -8.90
CA TRP B 20 -18.53 29.60 -9.24
C TRP B 20 -20.02 29.80 -8.98
N LEU B 21 -20.82 28.85 -9.47
CA LEU B 21 -22.27 28.95 -9.35
C LEU B 21 -22.70 28.90 -7.89
N ALA B 22 -22.06 28.02 -7.12
CA ALA B 22 -22.35 27.91 -5.70
C ALA B 22 -21.95 29.19 -4.96
N GLN B 23 -20.80 29.74 -5.33
CA GLN B 23 -20.31 30.96 -4.69
C GLN B 23 -21.27 32.13 -4.93
N GLN B 24 -21.91 32.17 -6.09
CA GLN B 24 -22.83 33.26 -6.42
C GLN B 24 -24.03 33.30 -5.49
N LEU B 25 -24.42 32.15 -4.95
CA LEU B 25 -25.55 32.09 -4.02
C LEU B 25 -25.20 32.74 -2.69
N ASP B 26 -23.91 32.81 -2.40
CA ASP B 26 -23.42 33.41 -1.16
C ASP B 26 -22.15 34.20 -1.44
N PRO B 27 -22.28 35.34 -2.17
CA PRO B 27 -21.18 36.12 -2.75
C PRO B 27 -20.02 36.42 -1.79
N ARG B 28 -20.33 36.89 -0.59
CA ARG B 28 -19.29 37.30 0.36
C ARG B 28 -18.99 36.22 1.38
N GLY B 29 -19.41 34.99 1.11
CA GLY B 29 -19.20 33.88 2.01
C GLY B 29 -17.83 33.24 1.81
N ALA B 30 -17.36 32.53 2.83
CA ALA B 30 -16.05 31.87 2.79
C ALA B 30 -16.17 30.35 2.82
N HIS B 31 -17.33 29.82 2.43
CA HIS B 31 -17.58 28.40 2.54
C HIS B 31 -16.72 27.55 1.61
N TYR B 32 -16.14 28.18 0.58
CA TYR B 32 -15.30 27.46 -0.37
C TYR B 32 -13.82 27.80 -0.19
N ARG B 33 -13.47 28.35 0.97
CA ARG B 33 -12.08 28.41 1.39
C ARG B 33 -11.66 27.01 1.83
N THR B 34 -10.59 26.50 1.21
CA THR B 34 -10.07 25.19 1.55
C THR B 34 -8.58 25.31 1.83
N GLY B 35 -7.96 24.22 2.26
CA GLY B 35 -6.54 24.28 2.56
C GLY B 35 -5.94 23.01 3.09
N SER B 36 -4.62 23.03 3.18
CA SER B 36 -3.85 21.93 3.73
C SER B 36 -2.60 22.54 4.35
N CYS B 37 -1.73 21.69 4.89
CA CYS B 37 -0.45 22.18 5.37
C CYS B 37 0.61 21.10 5.30
N LEU B 38 1.87 21.53 5.29
CA LEU B 38 3.00 20.63 5.41
C LEU B 38 3.60 20.75 6.80
N GLU B 39 3.69 19.63 7.50
CA GLU B 39 4.45 19.58 8.74
C GLU B 39 5.89 19.22 8.41
N ILE B 40 6.77 20.19 8.64
CA ILE B 40 8.16 20.10 8.21
C ILE B 40 9.07 19.89 9.43
N ASP B 41 9.85 18.81 9.40
CA ASP B 41 10.58 18.38 10.58
C ASP B 41 11.94 19.06 10.76
N GLY B 42 12.23 20.06 9.94
CA GLY B 42 13.52 20.73 9.98
C GLY B 42 13.40 22.21 9.73
N PRO B 43 14.47 22.97 10.02
CA PRO B 43 14.42 24.42 9.80
C PRO B 43 14.40 24.79 8.32
N LEU B 44 13.52 25.72 7.96
CA LEU B 44 13.51 26.32 6.63
C LEU B 44 13.84 27.79 6.76
N ASP B 45 14.42 28.36 5.71
CA ASP B 45 14.73 29.78 5.69
C ASP B 45 13.60 30.53 4.99
N HIS B 46 12.98 31.46 5.71
CA HIS B 46 11.84 32.19 5.21
C HIS B 46 12.16 33.00 3.95
N ALA B 47 13.33 33.62 3.93
CA ALA B 47 13.71 34.50 2.82
C ALA B 47 13.82 33.76 1.50
N VAL B 48 14.50 32.63 1.48
CA VAL B 48 14.68 31.88 0.23
C VAL B 48 13.39 31.13 -0.11
N LEU B 49 12.66 30.67 0.90
CA LEU B 49 11.37 30.01 0.65
C LEU B 49 10.36 31.03 0.11
N SER B 50 10.49 32.28 0.54
CA SER B 50 9.66 33.34 0.00
C SER B 50 10.01 33.54 -1.47
N ARG B 51 11.30 33.55 -1.78
CA ARG B 51 11.76 33.64 -3.16
C ARG B 51 11.24 32.42 -3.94
N ALA B 52 11.30 31.27 -3.30
CA ALA B 52 10.83 30.02 -3.93
C ALA B 52 9.35 30.12 -4.24
N LEU B 53 8.59 30.72 -3.33
CA LEU B 53 7.15 30.84 -3.51
C LEU B 53 6.82 31.73 -4.71
N ARG B 54 7.51 32.87 -4.81
CA ARG B 54 7.31 33.77 -5.94
C ARG B 54 7.57 33.07 -7.27
N LEU B 55 8.66 32.31 -7.33
CA LEU B 55 8.99 31.54 -8.52
C LEU B 55 7.96 30.44 -8.77
N THR B 56 7.51 29.79 -7.70
CA THR B 56 6.54 28.72 -7.82
C THR B 56 5.19 29.27 -8.31
N VAL B 57 4.69 30.31 -7.65
CA VAL B 57 3.44 30.93 -8.05
C VAL B 57 3.51 31.41 -9.49
N ALA B 58 4.59 32.08 -9.84
CA ALA B 58 4.75 32.63 -11.18
C ALA B 58 4.59 31.57 -12.27
N GLY B 59 4.93 30.32 -11.94
CA GLY B 59 4.85 29.22 -12.88
C GLY B 59 3.58 28.41 -12.78
N THR B 60 2.64 28.87 -11.95
CA THR B 60 1.39 28.16 -11.69
C THR B 60 0.20 29.03 -12.08
N GLU B 61 -0.32 28.81 -13.28
CA GLU B 61 -1.34 29.69 -13.86
C GLU B 61 -2.55 29.87 -12.95
N THR B 62 -3.04 28.80 -12.35
CA THR B 62 -4.25 28.87 -11.54
C THR B 62 -4.05 29.75 -10.31
N LEU B 63 -2.82 29.83 -9.81
CA LEU B 63 -2.51 30.65 -8.66
C LEU B 63 -2.25 32.10 -9.05
N CYS B 64 -2.30 32.38 -10.36
CA CYS B 64 -2.16 33.74 -10.87
C CYS B 64 -3.44 34.21 -11.54
N SER B 65 -4.55 33.56 -11.22
CA SER B 65 -5.79 33.78 -11.95
C SER B 65 -6.83 34.50 -11.12
N ARG B 66 -7.70 35.23 -11.83
CA ARG B 66 -8.89 35.81 -11.25
C ARG B 66 -10.05 35.42 -12.13
N PHE B 67 -11.28 35.62 -11.65
CA PHE B 67 -12.47 35.26 -12.40
C PHE B 67 -13.38 36.47 -12.57
N LEU B 68 -13.75 36.71 -13.81
CA LEU B 68 -14.60 37.84 -14.17
C LEU B 68 -15.83 37.32 -14.92
N THR B 69 -16.74 38.22 -15.25
CA THR B 69 -17.96 37.86 -15.97
C THR B 69 -18.08 38.68 -17.24
N ASP B 70 -18.40 38.02 -18.35
CA ASP B 70 -18.54 38.73 -19.62
C ASP B 70 -19.84 39.52 -19.66
N GLU B 71 -20.16 40.10 -20.81
CA GLU B 71 -21.35 40.94 -20.96
C GLU B 71 -22.63 40.15 -20.70
N GLU B 72 -22.56 38.83 -20.87
CA GLU B 72 -23.73 37.97 -20.72
C GLU B 72 -23.83 37.37 -19.31
N GLY B 73 -22.91 37.75 -18.44
CA GLY B 73 -22.93 37.28 -17.05
C GLY B 73 -22.25 35.94 -16.85
N ARG B 74 -21.65 35.41 -17.91
CA ARG B 74 -20.97 34.12 -17.85
C ARG B 74 -19.55 34.28 -17.33
N PRO B 75 -19.09 33.37 -16.46
CA PRO B 75 -17.74 33.50 -15.91
C PRO B 75 -16.63 33.15 -16.90
N TYR B 76 -15.49 33.81 -16.75
CA TYR B 76 -14.28 33.41 -17.46
C TYR B 76 -13.08 33.67 -16.56
N ARG B 77 -11.98 33.01 -16.87
CA ARG B 77 -10.77 33.12 -16.07
C ARG B 77 -9.75 34.01 -16.79
N ALA B 78 -9.11 34.88 -16.03
CA ALA B 78 -8.10 35.79 -16.57
C ALA B 78 -6.77 35.55 -15.89
N TYR B 79 -5.72 35.41 -16.69
CA TYR B 79 -4.38 35.17 -16.19
C TYR B 79 -3.68 36.50 -15.89
N CYS B 80 -3.18 36.63 -14.67
CA CYS B 80 -2.54 37.87 -14.20
C CYS B 80 -1.16 37.59 -13.64
N PRO B 81 -0.11 37.69 -14.48
CA PRO B 81 1.26 37.42 -14.00
C PRO B 81 1.63 38.24 -12.77
N PRO B 82 2.47 37.67 -11.88
CA PRO B 82 2.93 38.47 -10.73
C PRO B 82 3.86 39.59 -11.18
N ALA B 83 4.20 40.49 -10.25
CA ALA B 83 5.15 41.55 -10.55
C ALA B 83 6.54 40.97 -10.76
N PRO B 84 7.37 41.65 -11.58
CA PRO B 84 8.75 41.20 -11.82
C PRO B 84 9.69 41.57 -10.67
N VAL B 96 -3.18 46.25 -15.76
CA VAL B 96 -3.65 44.96 -15.26
C VAL B 96 -3.07 44.66 -13.87
N PRO B 97 -3.91 44.19 -12.94
CA PRO B 97 -3.39 43.90 -11.60
C PRO B 97 -2.39 42.76 -11.59
N TYR B 98 -1.32 42.88 -10.81
CA TYR B 98 -0.35 41.81 -10.65
C TYR B 98 -0.78 40.88 -9.54
N THR B 99 -0.65 39.57 -9.77
CA THR B 99 -0.89 38.60 -8.73
C THR B 99 0.07 38.84 -7.57
N PRO B 100 -0.45 39.11 -6.37
CA PRO B 100 0.44 39.30 -5.23
C PRO B 100 0.97 37.98 -4.69
N VAL B 101 2.21 37.98 -4.21
CA VAL B 101 2.79 36.82 -3.57
C VAL B 101 3.34 37.22 -2.20
N LEU B 102 2.83 36.57 -1.17
CA LEU B 102 3.20 36.88 0.20
C LEU B 102 3.28 35.63 1.05
N LEU B 103 4.46 35.34 1.58
CA LEU B 103 4.63 34.27 2.55
C LEU B 103 4.77 34.87 3.95
N ARG B 104 3.72 34.71 4.76
CA ARG B 104 3.73 35.22 6.12
C ARG B 104 4.61 34.35 7.00
N HIS B 105 5.26 34.98 7.99
CA HIS B 105 6.06 34.25 8.95
C HIS B 105 5.56 34.53 10.36
N ILE B 106 5.14 33.46 11.04
CA ILE B 106 4.68 33.54 12.43
C ILE B 106 5.56 32.66 13.30
N ASP B 107 6.29 33.29 14.22
CA ASP B 107 7.17 32.57 15.12
C ASP B 107 6.45 32.20 16.41
N LEU B 108 6.16 30.91 16.56
CA LEU B 108 5.48 30.39 17.74
C LEU B 108 6.42 29.54 18.60
N SER B 109 7.72 29.69 18.36
CA SER B 109 8.72 28.87 19.01
C SER B 109 8.73 29.03 20.54
N GLY B 110 8.25 30.17 21.02
CA GLY B 110 8.21 30.45 22.45
C GLY B 110 6.83 30.26 23.05
N HIS B 111 5.85 29.91 22.22
CA HIS B 111 4.46 29.78 22.66
C HIS B 111 4.25 28.51 23.47
N GLU B 112 3.33 28.57 24.42
CA GLU B 112 3.01 27.42 25.28
C GLU B 112 2.25 26.34 24.53
N ASP B 113 1.71 26.70 23.37
CA ASP B 113 0.90 25.80 22.57
C ASP B 113 1.06 26.16 21.09
N PRO B 114 2.27 25.93 20.54
CA PRO B 114 2.57 26.29 19.15
C PRO B 114 1.61 25.66 18.16
N GLU B 115 1.38 24.36 18.30
CA GLU B 115 0.50 23.62 17.39
C GLU B 115 -0.93 24.16 17.46
N GLY B 116 -1.43 24.34 18.68
CA GLY B 116 -2.79 24.82 18.87
C GLY B 116 -2.97 26.23 18.34
N GLU B 117 -1.94 27.06 18.51
CA GLU B 117 -1.99 28.45 18.06
C GLU B 117 -1.97 28.52 16.54
N ALA B 118 -1.16 27.69 15.91
CA ALA B 118 -1.07 27.66 14.45
C ALA B 118 -2.39 27.25 13.84
N GLN B 119 -3.07 26.28 14.47
CA GLN B 119 -4.36 25.83 14.00
C GLN B 119 -5.40 26.95 14.08
N ARG B 120 -5.40 27.67 15.20
CA ARG B 120 -6.34 28.77 15.38
C ARG B 120 -6.14 29.83 14.30
N TRP B 121 -4.89 30.08 13.97
CA TRP B 121 -4.56 31.04 12.91
C TRP B 121 -5.10 30.57 11.57
N MET B 122 -4.87 29.31 11.25
CA MET B 122 -5.33 28.74 9.99
C MET B 122 -6.85 28.76 9.92
N ASP B 123 -7.52 28.49 11.04
CA ASP B 123 -8.98 28.51 11.07
C ASP B 123 -9.51 29.92 10.87
N ARG B 124 -8.80 30.91 11.41
CA ARG B 124 -9.20 32.30 11.21
C ARG B 124 -9.02 32.71 9.75
N ASP B 125 -7.94 32.24 9.13
CA ASP B 125 -7.67 32.56 7.74
C ASP B 125 -8.73 31.94 6.83
N ARG B 126 -9.08 30.71 7.13
CA ARG B 126 -10.07 29.95 6.36
C ARG B 126 -11.43 30.65 6.35
N ALA B 127 -11.71 31.41 7.39
CA ALA B 127 -12.99 32.10 7.53
C ALA B 127 -13.02 33.43 6.79
N THR B 128 -11.91 33.79 6.15
CA THR B 128 -11.80 35.05 5.43
C THR B 128 -12.20 34.88 3.96
N PRO B 129 -13.24 35.61 3.52
CA PRO B 129 -13.62 35.48 2.10
C PRO B 129 -12.54 36.02 1.15
N LEU B 130 -12.43 35.40 -0.02
CA LEU B 130 -11.53 35.87 -1.07
C LEU B 130 -12.32 36.23 -2.31
N PRO B 131 -12.57 37.53 -2.54
CA PRO B 131 -13.29 37.91 -3.76
C PRO B 131 -12.59 37.40 -5.02
N LEU B 132 -13.37 36.84 -5.94
CA LEU B 132 -12.81 36.11 -7.07
C LEU B 132 -12.21 37.02 -8.15
N ASP B 133 -12.53 38.31 -8.11
CA ASP B 133 -12.06 39.23 -9.14
C ASP B 133 -10.66 39.76 -8.83
N ARG B 134 -10.12 39.37 -7.68
CA ARG B 134 -8.76 39.76 -7.31
C ARG B 134 -7.82 38.57 -7.54
N PRO B 135 -6.78 38.75 -8.37
CA PRO B 135 -5.93 37.60 -8.73
C PRO B 135 -5.09 37.08 -7.56
N GLY B 136 -4.72 35.81 -7.63
CA GLY B 136 -3.94 35.19 -6.58
C GLY B 136 -4.82 34.77 -5.42
N LEU B 137 -5.66 33.78 -5.66
CA LEU B 137 -6.65 33.34 -4.68
C LEU B 137 -6.09 32.29 -3.74
N SER B 138 -5.04 32.67 -3.01
CA SER B 138 -4.47 31.79 -1.99
C SER B 138 -3.88 32.60 -0.84
N SER B 139 -3.53 31.90 0.23
CA SER B 139 -2.98 32.50 1.44
C SER B 139 -1.91 31.60 2.02
N HIS B 140 -0.70 32.14 2.19
CA HIS B 140 0.45 31.33 2.56
C HIS B 140 1.05 31.80 3.88
N ALA B 141 1.36 30.84 4.75
CA ALA B 141 2.01 31.16 6.02
C ALA B 141 2.99 30.06 6.42
N LEU B 142 4.16 30.49 6.90
CA LEU B 142 5.15 29.60 7.47
C LEU B 142 5.22 29.81 8.98
N PHE B 143 4.92 28.76 9.73
CA PHE B 143 4.99 28.82 11.19
C PHE B 143 6.28 28.19 11.70
N THR B 144 6.94 28.87 12.63
CA THR B 144 8.03 28.26 13.40
C THR B 144 7.45 27.76 14.71
N LEU B 145 7.56 26.46 14.94
CA LEU B 145 6.97 25.81 16.11
C LEU B 145 8.00 25.50 17.19
N GLY B 146 9.26 25.82 16.93
CA GLY B 146 10.32 25.45 17.83
C GLY B 146 10.71 24.00 17.62
N GLY B 147 11.82 23.59 18.22
CA GLY B 147 12.37 22.28 17.96
C GLY B 147 12.95 22.21 16.56
N GLY B 148 13.00 23.36 15.90
CA GLY B 148 13.45 23.44 14.52
C GLY B 148 12.30 23.17 13.57
N ARG B 149 11.19 22.64 14.09
CA ARG B 149 10.06 22.26 13.27
C ARG B 149 9.33 23.45 12.68
N HIS B 150 8.65 23.22 11.55
CA HIS B 150 7.88 24.24 10.87
C HIS B 150 6.56 23.68 10.37
N LEU B 151 5.62 24.58 10.10
CA LEU B 151 4.35 24.22 9.49
C LEU B 151 4.08 25.21 8.35
N TYR B 152 3.85 24.68 7.16
CA TYR B 152 3.52 25.51 6.01
C TYR B 152 2.05 25.39 5.70
N TYR B 153 1.33 26.50 5.82
CA TYR B 153 -0.10 26.51 5.55
C TYR B 153 -0.39 27.00 4.13
N LEU B 154 -1.15 26.21 3.39
CA LEU B 154 -1.63 26.58 2.07
C LEU B 154 -3.14 26.74 2.11
N GLY B 155 -3.59 27.99 2.14
CA GLY B 155 -5.00 28.30 2.07
C GLY B 155 -5.35 28.72 0.66
N VAL B 156 -6.51 28.29 0.17
CA VAL B 156 -6.92 28.61 -1.18
C VAL B 156 -8.41 28.84 -1.26
N HIS B 157 -8.86 29.44 -2.36
CA HIS B 157 -10.24 29.31 -2.78
C HIS B 157 -10.34 28.02 -3.57
N HIS B 158 -11.38 27.22 -3.31
CA HIS B 158 -11.50 25.92 -3.96
C HIS B 158 -11.52 26.04 -5.48
N ILE B 159 -11.92 27.20 -6.00
CA ILE B 159 -12.05 27.37 -7.44
C ILE B 159 -10.70 27.33 -8.16
N VAL B 160 -9.60 27.56 -7.46
CA VAL B 160 -8.29 27.54 -8.11
C VAL B 160 -7.46 26.29 -7.82
N ILE B 161 -7.73 25.60 -6.72
CA ILE B 161 -6.90 24.47 -6.29
C ILE B 161 -7.71 23.32 -5.70
N ASP B 162 -7.48 22.11 -6.20
CA ASP B 162 -8.03 20.89 -5.61
C ASP B 162 -6.95 20.10 -4.88
N GLY B 163 -7.34 18.97 -4.30
CA GLY B 163 -6.42 18.15 -3.51
C GLY B 163 -5.18 17.72 -4.28
N THR B 164 -5.38 17.27 -5.52
CA THR B 164 -4.28 16.84 -6.36
C THR B 164 -3.29 17.99 -6.59
N SER B 165 -3.83 19.19 -6.76
CA SER B 165 -3.00 20.34 -7.09
C SER B 165 -2.23 20.85 -5.88
N MET B 166 -2.75 20.60 -4.67
CA MET B 166 -2.01 20.92 -3.46
C MET B 166 -0.70 20.16 -3.45
N ALA B 167 -0.75 18.89 -3.82
CA ALA B 167 0.45 18.06 -3.87
C ALA B 167 1.39 18.56 -4.95
N LEU B 168 0.85 18.92 -6.11
CA LEU B 168 1.66 19.48 -7.19
C LEU B 168 2.37 20.75 -6.74
N PHE B 169 1.66 21.59 -5.99
CA PHE B 169 2.24 22.82 -5.49
C PHE B 169 3.40 22.55 -4.54
N TYR B 170 3.16 21.71 -3.54
CA TYR B 170 4.18 21.44 -2.52
C TYR B 170 5.45 20.85 -3.13
N GLU B 171 5.29 20.00 -4.13
CA GLU B 171 6.45 19.35 -4.74
C GLU B 171 7.26 20.36 -5.55
N ARG B 172 6.58 21.26 -6.25
CA ARG B 172 7.26 22.31 -7.00
C ARG B 172 7.95 23.30 -6.08
N LEU B 173 7.26 23.69 -5.01
CA LEU B 173 7.82 24.65 -4.05
C LEU B 173 9.15 24.12 -3.50
N ALA B 174 9.15 22.84 -3.14
CA ALA B 174 10.33 22.20 -2.59
C ALA B 174 11.44 22.08 -3.64
N GLU B 175 11.05 21.77 -4.88
CA GLU B 175 12.03 21.65 -5.97
C GLU B 175 12.78 22.96 -6.17
N VAL B 176 12.04 24.05 -6.27
CA VAL B 176 12.64 25.38 -6.44
C VAL B 176 13.51 25.72 -5.23
N TYR B 177 13.00 25.44 -4.05
CA TYR B 177 13.70 25.72 -2.80
C TYR B 177 15.07 25.05 -2.76
N ARG B 178 15.10 23.79 -3.17
CA ARG B 178 16.36 23.03 -3.22
C ARG B 178 17.35 23.68 -4.17
N ALA B 179 16.87 24.11 -5.34
CA ALA B 179 17.73 24.73 -6.34
C ALA B 179 18.33 26.04 -5.83
N LEU B 180 17.50 26.89 -5.23
CA LEU B 180 17.95 28.17 -4.72
C LEU B 180 18.98 27.99 -3.60
N ARG B 181 18.71 27.07 -2.69
CA ARG B 181 19.60 26.83 -1.56
C ARG B 181 20.98 26.32 -1.98
N ASP B 182 21.03 25.58 -3.08
CA ASP B 182 22.27 24.97 -3.55
C ASP B 182 23.00 25.81 -4.59
N GLY B 183 22.43 26.97 -4.93
CA GLY B 183 22.99 27.81 -5.97
C GLY B 183 22.86 27.18 -7.35
N ARG B 184 21.96 26.22 -7.48
CA ARG B 184 21.73 25.54 -8.75
C ARG B 184 20.64 26.25 -9.56
N ALA B 185 20.70 26.10 -10.88
CA ALA B 185 19.68 26.66 -11.76
C ALA B 185 18.34 26.01 -11.47
N VAL B 186 17.29 26.83 -11.34
CA VAL B 186 15.96 26.33 -11.04
C VAL B 186 15.44 25.50 -12.21
N PRO B 187 15.05 24.24 -11.94
CA PRO B 187 14.45 23.42 -13.01
C PRO B 187 13.23 24.12 -13.63
N ALA B 188 13.09 24.03 -14.95
CA ALA B 188 12.01 24.71 -15.65
C ALA B 188 10.66 24.20 -15.16
N ALA B 189 9.69 25.10 -15.03
CA ALA B 189 8.34 24.72 -14.68
C ALA B 189 7.83 23.70 -15.68
N ALA B 190 7.15 22.66 -15.19
CA ALA B 190 6.69 21.57 -16.03
C ALA B 190 5.20 21.29 -15.79
N PHE B 191 4.42 22.35 -15.64
CA PHE B 191 2.97 22.23 -15.47
C PHE B 191 2.27 22.26 -16.82
N GLY B 192 1.11 21.62 -16.89
CA GLY B 192 0.38 21.46 -18.12
C GLY B 192 -0.51 22.64 -18.47
N ASP B 193 -1.39 22.44 -19.44
CA ASP B 193 -2.21 23.50 -20.01
C ASP B 193 -3.67 23.37 -19.61
N THR B 194 -4.20 24.37 -18.93
CA THR B 194 -5.57 24.33 -18.45
C THR B 194 -6.58 24.38 -19.60
N ASP B 195 -6.28 25.19 -20.62
CA ASP B 195 -7.18 25.32 -21.77
C ASP B 195 -7.42 23.98 -22.45
N ARG B 196 -6.36 23.18 -22.55
CA ARG B 196 -6.44 21.86 -23.18
C ARG B 196 -7.31 20.93 -22.33
N MET B 197 -7.21 21.08 -21.02
CA MET B 197 -8.00 20.28 -20.09
C MET B 197 -9.49 20.62 -20.24
N VAL B 198 -9.78 21.91 -20.30
CA VAL B 198 -11.14 22.39 -20.50
C VAL B 198 -11.69 21.92 -21.84
N ALA B 199 -10.85 21.98 -22.88
CA ALA B 199 -11.24 21.54 -24.21
C ALA B 199 -11.61 20.05 -24.20
N GLY B 200 -10.89 19.28 -23.40
CA GLY B 200 -11.18 17.86 -23.24
C GLY B 200 -12.56 17.64 -22.63
N GLU B 201 -12.92 18.47 -21.65
CA GLU B 201 -14.22 18.36 -21.01
C GLU B 201 -15.33 18.75 -21.98
N GLU B 202 -15.08 19.78 -22.78
CA GLU B 202 -16.06 20.24 -23.75
C GLU B 202 -16.31 19.17 -24.80
N ALA B 203 -15.24 18.50 -25.23
CA ALA B 203 -15.36 17.41 -26.19
C ALA B 203 -16.20 16.27 -25.59
N TYR B 204 -15.95 15.96 -24.33
CA TYR B 204 -16.72 14.93 -23.64
C TYR B 204 -18.21 15.24 -23.64
N ARG B 205 -18.55 16.48 -23.30
CA ARG B 205 -19.97 16.87 -23.18
C ARG B 205 -20.69 16.83 -24.52
N ALA B 206 -19.94 17.01 -25.60
CA ALA B 206 -20.52 16.99 -26.95
C ALA B 206 -20.52 15.58 -27.53
N SER B 207 -19.89 14.64 -26.83
CA SER B 207 -19.74 13.27 -27.34
C SER B 207 -20.89 12.37 -26.90
N ALA B 208 -20.95 11.19 -27.51
CA ALA B 208 -21.99 10.21 -27.21
C ALA B 208 -21.82 9.61 -25.82
N ARG B 209 -20.58 9.61 -25.32
CA ARG B 209 -20.28 9.04 -24.01
C ARG B 209 -21.05 9.78 -22.91
N TYR B 210 -21.31 11.06 -23.13
CA TYR B 210 -22.02 11.87 -22.13
C TYR B 210 -23.41 11.26 -21.86
N GLU B 211 -24.13 10.91 -22.92
CA GLU B 211 -25.45 10.32 -22.77
C GLU B 211 -25.38 8.89 -22.21
N ARG B 212 -24.34 8.15 -22.59
CA ARG B 212 -24.16 6.81 -22.02
C ARG B 212 -23.97 6.90 -20.51
N ASP B 213 -23.12 7.84 -20.09
CA ASP B 213 -22.87 8.07 -18.67
C ASP B 213 -24.11 8.58 -17.96
N ARG B 214 -24.81 9.51 -18.60
CA ARG B 214 -26.06 10.05 -18.06
C ARG B 214 -27.05 8.92 -17.80
N ALA B 215 -27.19 8.02 -18.75
CA ALA B 215 -28.11 6.90 -18.61
C ALA B 215 -27.68 5.96 -17.49
N TYR B 216 -26.37 5.72 -17.38
CA TYR B 216 -25.87 4.84 -16.34
C TYR B 216 -26.23 5.36 -14.95
N TRP B 217 -25.91 6.63 -14.71
CA TRP B 217 -26.07 7.21 -13.38
C TRP B 217 -27.53 7.44 -13.01
N THR B 218 -28.31 7.96 -13.93
CA THR B 218 -29.73 8.21 -13.62
C THR B 218 -30.48 6.90 -13.48
N GLY B 219 -30.01 5.87 -14.18
CA GLY B 219 -30.63 4.56 -14.10
C GLY B 219 -30.41 3.95 -12.72
N LEU B 220 -29.21 4.14 -12.20
CA LEU B 220 -28.80 3.53 -10.93
C LEU B 220 -29.54 4.18 -9.76
N PHE B 221 -29.96 5.43 -9.93
CA PHE B 221 -30.57 6.20 -8.85
C PHE B 221 -31.96 6.75 -9.20
N THR B 222 -32.67 6.04 -10.06
CA THR B 222 -33.98 6.52 -10.51
C THR B 222 -34.97 6.59 -9.35
N ASP B 223 -34.75 5.79 -8.32
CA ASP B 223 -35.61 5.80 -7.14
C ASP B 223 -35.39 7.05 -6.28
N ARG B 224 -34.32 7.78 -6.58
CA ARG B 224 -34.03 9.06 -5.94
C ARG B 224 -34.01 8.96 -4.41
N PRO B 225 -33.13 8.10 -3.88
CA PRO B 225 -33.05 7.89 -2.43
C PRO B 225 -32.66 9.15 -1.67
N GLU B 226 -33.30 9.37 -0.53
CA GLU B 226 -32.94 10.50 0.33
C GLU B 226 -31.55 10.26 0.90
N PRO B 227 -30.70 11.30 0.92
CA PRO B 227 -29.42 11.12 1.61
C PRO B 227 -29.63 10.74 3.07
N VAL B 228 -28.87 9.76 3.54
CA VAL B 228 -28.89 9.39 4.95
C VAL B 228 -27.50 9.60 5.53
N SER B 229 -27.46 10.14 6.73
CA SER B 229 -26.21 10.40 7.42
C SER B 229 -26.14 9.58 8.69
N LEU B 230 -24.98 9.59 9.34
CA LEU B 230 -24.77 8.87 10.58
C LEU B 230 -25.76 9.35 11.64
N THR B 231 -26.19 10.60 11.52
CA THR B 231 -27.32 11.11 12.29
C THR B 231 -28.37 11.67 11.34
N GLY B 232 -29.51 10.98 11.26
CA GLY B 232 -30.63 11.44 10.45
C GLY B 232 -30.38 11.42 8.94
N ARG B 233 -30.69 12.53 8.29
CA ARG B 233 -30.55 12.66 6.83
C ARG B 233 -29.63 13.83 6.45
N GLY B 234 -28.71 14.16 7.34
CA GLY B 234 -27.70 15.18 7.05
C GLY B 234 -28.21 16.60 7.12
N GLY B 235 -27.43 17.53 6.57
CA GLY B 235 -27.90 18.90 6.34
C GLY B 235 -28.70 18.88 5.06
N GLY B 236 -29.25 20.01 4.62
CA GLY B 236 -28.82 21.34 5.01
C GLY B 236 -28.01 21.86 3.83
N ARG B 237 -27.62 23.13 3.82
CA ARG B 237 -26.77 23.62 2.73
C ARG B 237 -25.34 23.13 2.99
N ALA B 238 -24.50 23.17 1.96
CA ALA B 238 -23.09 22.85 2.14
C ALA B 238 -22.41 23.99 2.89
N LEU B 239 -21.80 23.69 4.03
CA LEU B 239 -21.18 24.70 4.87
C LEU B 239 -19.72 24.36 5.12
N ALA B 240 -18.92 25.38 5.37
CA ALA B 240 -17.53 25.16 5.78
C ALA B 240 -17.54 24.27 7.00
N PRO B 241 -16.71 23.22 6.98
CA PRO B 241 -16.81 22.23 8.06
C PRO B 241 -16.13 22.61 9.37
N THR B 242 -16.64 22.05 10.45
CA THR B 242 -15.88 21.90 11.68
C THR B 242 -15.00 20.68 11.49
N VAL B 243 -13.69 20.85 11.69
CA VAL B 243 -12.74 19.78 11.40
C VAL B 243 -12.09 19.28 12.68
N ARG B 244 -12.14 17.96 12.87
CA ARG B 244 -11.42 17.31 13.96
C ARG B 244 -10.47 16.27 13.37
N SER B 245 -9.22 16.32 13.81
CA SER B 245 -8.16 15.50 13.24
C SER B 245 -7.62 14.52 14.27
N LEU B 246 -7.43 13.27 13.85
CA LEU B 246 -6.91 12.22 14.70
C LEU B 246 -5.70 11.57 14.05
N GLY B 247 -4.58 11.56 14.76
CA GLY B 247 -3.36 10.95 14.26
C GLY B 247 -3.26 9.50 14.69
N LEU B 248 -2.97 8.62 13.72
CA LEU B 248 -2.86 7.20 13.97
C LEU B 248 -1.48 6.68 13.57
N PRO B 249 -0.68 6.20 14.55
CA PRO B 249 0.64 5.68 14.19
C PRO B 249 0.58 4.34 13.46
N PRO B 250 1.69 3.92 12.86
CA PRO B 250 1.75 2.65 12.14
C PRO B 250 1.25 1.46 12.96
N GLU B 251 1.52 1.47 14.26
CA GLU B 251 1.08 0.39 15.15
C GLU B 251 -0.43 0.19 15.04
N ARG B 252 -1.14 1.28 14.75
CA ARG B 252 -2.60 1.25 14.63
C ARG B 252 -3.07 0.95 13.21
N THR B 253 -2.30 1.38 12.22
CA THR B 253 -2.78 1.42 10.84
C THR B 253 -2.25 0.29 9.96
N GLU B 254 -1.22 -0.41 10.40
CA GLU B 254 -0.64 -1.49 9.60
C GLU B 254 -1.67 -2.56 9.27
N VAL B 255 -2.62 -2.78 10.18
CA VAL B 255 -3.65 -3.79 9.97
C VAL B 255 -4.45 -3.55 8.69
N LEU B 256 -4.57 -2.30 8.28
CA LEU B 256 -5.30 -1.98 7.06
C LEU B 256 -4.57 -2.54 5.85
N GLY B 257 -3.25 -2.47 5.88
CA GLY B 257 -2.43 -3.04 4.82
C GLY B 257 -2.54 -4.55 4.78
N ARG B 258 -2.65 -5.18 5.94
CA ARG B 258 -2.79 -6.63 5.99
C ARG B 258 -4.15 -7.06 5.44
N ALA B 259 -5.19 -6.28 5.72
CA ALA B 259 -6.51 -6.58 5.19
C ALA B 259 -6.51 -6.42 3.68
N ALA B 260 -5.81 -5.41 3.20
CA ALA B 260 -5.65 -5.17 1.77
C ALA B 260 -4.96 -6.36 1.11
N GLU B 261 -3.84 -6.81 1.69
CA GLU B 261 -3.10 -7.94 1.16
C GLU B 261 -3.98 -9.19 1.10
N ALA B 262 -4.74 -9.42 2.15
CA ALA B 262 -5.52 -10.64 2.28
C ALA B 262 -6.71 -10.66 1.33
N THR B 263 -7.38 -9.52 1.17
CA THR B 263 -8.54 -9.43 0.28
C THR B 263 -8.15 -9.21 -1.17
N GLY B 264 -6.92 -8.77 -1.40
CA GLY B 264 -6.47 -8.44 -2.73
C GLY B 264 -6.95 -7.09 -3.22
N ALA B 265 -7.55 -6.32 -2.32
CA ALA B 265 -8.05 -4.99 -2.63
C ALA B 265 -7.10 -3.90 -2.15
N HIS B 266 -7.02 -2.81 -2.90
CA HIS B 266 -6.25 -1.65 -2.47
C HIS B 266 -6.82 -1.14 -1.16
N TRP B 267 -5.96 -0.65 -0.27
CA TRP B 267 -6.39 -0.32 1.09
C TRP B 267 -7.45 0.77 1.14
N ALA B 268 -7.49 1.63 0.12
CA ALA B 268 -8.54 2.65 0.07
C ALA B 268 -9.91 1.99 -0.03
N ARG B 269 -9.98 0.88 -0.73
CA ARG B 269 -11.23 0.14 -0.88
C ARG B 269 -11.65 -0.48 0.44
N VAL B 270 -10.66 -0.93 1.22
CA VAL B 270 -10.92 -1.45 2.56
C VAL B 270 -11.52 -0.36 3.44
N VAL B 271 -11.00 0.86 3.33
CA VAL B 271 -11.53 1.97 4.13
C VAL B 271 -12.96 2.29 3.72
N ILE B 272 -13.20 2.38 2.41
CA ILE B 272 -14.54 2.66 1.90
C ILE B 272 -15.52 1.59 2.40
N ALA B 273 -15.10 0.33 2.35
CA ALA B 273 -15.93 -0.76 2.87
C ALA B 273 -16.18 -0.60 4.36
N GLY B 274 -15.17 -0.14 5.09
CA GLY B 274 -15.30 0.10 6.52
C GLY B 274 -16.33 1.15 6.84
N VAL B 275 -16.35 2.24 6.07
CA VAL B 275 -17.33 3.29 6.25
C VAL B 275 -18.73 2.76 5.94
N ALA B 276 -18.85 2.01 4.86
CA ALA B 276 -20.12 1.40 4.50
C ALA B 276 -20.64 0.51 5.63
N ALA B 277 -19.75 -0.31 6.18
CA ALA B 277 -20.12 -1.21 7.28
C ALA B 277 -20.50 -0.42 8.54
N PHE B 278 -19.76 0.66 8.80
CA PHE B 278 -20.03 1.51 9.95
C PHE B 278 -21.39 2.21 9.81
N LEU B 279 -21.68 2.68 8.60
CA LEU B 279 -22.98 3.27 8.30
C LEU B 279 -24.10 2.25 8.50
N HIS B 280 -23.89 1.04 8.00
CA HIS B 280 -24.87 -0.03 8.12
C HIS B 280 -25.17 -0.33 9.58
N ARG B 281 -24.13 -0.43 10.39
CA ARG B 281 -24.29 -0.77 11.81
C ARG B 281 -24.94 0.36 12.59
N THR B 282 -24.60 1.60 12.24
CA THR B 282 -25.06 2.76 12.99
C THR B 282 -26.52 3.10 12.68
N THR B 283 -26.88 3.08 11.39
CA THR B 283 -28.21 3.51 10.97
C THR B 283 -29.16 2.35 10.69
N GLY B 284 -28.60 1.18 10.43
CA GLY B 284 -29.39 0.00 10.10
C GLY B 284 -29.66 -0.12 8.61
N ALA B 285 -29.21 0.89 7.85
CA ALA B 285 -29.45 0.92 6.41
C ALA B 285 -28.76 -0.22 5.69
N ARG B 286 -29.51 -0.91 4.83
CA ARG B 286 -28.96 -1.96 3.98
C ARG B 286 -28.53 -1.36 2.65
N ASP B 287 -29.25 -0.32 2.22
CA ASP B 287 -28.92 0.42 1.01
C ASP B 287 -28.06 1.61 1.39
N VAL B 288 -26.75 1.44 1.28
CA VAL B 288 -25.79 2.43 1.75
C VAL B 288 -25.26 3.26 0.57
N VAL B 289 -25.10 4.55 0.78
CA VAL B 289 -24.44 5.41 -0.20
C VAL B 289 -23.28 6.12 0.46
N VAL B 290 -22.12 6.06 -0.20
CA VAL B 290 -20.97 6.86 0.18
C VAL B 290 -20.51 7.63 -1.05
N SER B 291 -20.13 8.88 -0.86
CA SER B 291 -19.68 9.72 -1.97
C SER B 291 -18.17 9.58 -2.10
N VAL B 292 -17.71 9.41 -3.33
CA VAL B 292 -16.30 9.17 -3.60
C VAL B 292 -15.73 10.25 -4.52
N PRO B 293 -14.66 10.92 -4.07
CA PRO B 293 -14.03 11.87 -5.02
C PRO B 293 -13.20 11.16 -6.07
N VAL B 294 -13.19 11.69 -7.28
CA VAL B 294 -12.22 11.29 -8.29
C VAL B 294 -11.56 12.56 -8.82
N THR B 295 -10.37 12.43 -9.38
CA THR B 295 -9.57 13.61 -9.71
C THR B 295 -10.13 14.40 -10.90
N GLY B 296 -10.83 13.71 -11.79
CA GLY B 296 -11.31 14.34 -13.01
C GLY B 296 -10.19 14.66 -13.99
N ARG B 297 -9.03 14.03 -13.78
CA ARG B 297 -7.87 14.28 -14.63
C ARG B 297 -7.63 13.10 -15.55
N TYR B 298 -7.74 13.35 -16.85
CA TYR B 298 -7.64 12.31 -17.86
C TYR B 298 -6.54 12.66 -18.86
N GLY B 299 -5.50 11.82 -18.88
CA GLY B 299 -4.36 12.04 -19.75
C GLY B 299 -3.22 12.72 -19.04
N ALA B 300 -2.05 12.69 -19.68
CA ALA B 300 -0.81 13.21 -19.10
C ALA B 300 -0.87 14.71 -18.79
N ASN B 301 -1.40 15.50 -19.72
CA ASN B 301 -1.46 16.95 -19.51
C ASN B 301 -2.29 17.28 -18.29
N ALA B 302 -3.45 16.66 -18.17
CA ALA B 302 -4.37 16.94 -17.08
C ALA B 302 -3.75 16.60 -15.73
N ARG B 303 -2.96 15.53 -15.69
CA ARG B 303 -2.38 15.06 -14.44
C ARG B 303 -1.38 16.06 -13.83
N ILE B 304 -0.80 16.92 -14.67
CA ILE B 304 0.21 17.88 -14.21
C ILE B 304 -0.22 19.35 -14.36
N THR B 305 -1.52 19.58 -14.41
CA THR B 305 -2.05 20.94 -14.52
C THR B 305 -2.72 21.36 -13.22
N PRO B 306 -2.04 22.17 -12.40
CA PRO B 306 -2.69 22.67 -11.18
C PRO B 306 -3.98 23.41 -11.48
N GLY B 307 -5.01 23.14 -10.70
CA GLY B 307 -6.32 23.72 -10.93
C GLY B 307 -7.38 23.04 -10.10
N MET B 308 -8.62 23.15 -10.56
CA MET B 308 -9.75 22.57 -9.88
C MET B 308 -10.59 21.82 -10.91
N VAL B 309 -10.52 20.48 -10.87
CA VAL B 309 -11.26 19.65 -11.82
C VAL B 309 -11.91 18.45 -11.15
N SER B 310 -11.77 18.33 -9.83
CA SER B 310 -12.22 17.14 -9.13
C SER B 310 -13.73 16.94 -9.24
N ASN B 311 -14.12 15.68 -9.18
CA ASN B 311 -15.51 15.26 -9.30
C ASN B 311 -15.88 14.42 -8.08
N ARG B 312 -17.18 14.31 -7.80
CA ARG B 312 -17.64 13.47 -6.69
C ARG B 312 -18.85 12.69 -7.14
N LEU B 313 -18.81 11.37 -6.97
CA LEU B 313 -19.88 10.51 -7.44
C LEU B 313 -20.38 9.56 -6.35
N PRO B 314 -21.66 9.18 -6.42
CA PRO B 314 -22.27 8.34 -5.40
C PRO B 314 -21.97 6.85 -5.59
N LEU B 315 -21.45 6.22 -4.55
CA LEU B 315 -21.20 4.79 -4.56
C LEU B 315 -22.31 4.09 -3.78
N ARG B 316 -23.19 3.40 -4.51
CA ARG B 316 -24.31 2.71 -3.89
C ARG B 316 -23.93 1.28 -3.55
N LEU B 317 -24.10 0.92 -2.28
CA LEU B 317 -23.62 -0.35 -1.74
C LEU B 317 -24.71 -1.09 -0.98
N ALA B 318 -24.96 -2.33 -1.38
CA ALA B 318 -25.88 -3.20 -0.66
C ALA B 318 -25.11 -3.97 0.41
N VAL B 319 -25.45 -3.70 1.67
CA VAL B 319 -24.85 -4.40 2.81
C VAL B 319 -25.91 -5.30 3.42
N ARG B 320 -25.80 -6.60 3.17
CA ARG B 320 -26.84 -7.55 3.54
C ARG B 320 -26.52 -8.22 4.87
N PRO B 321 -27.56 -8.74 5.55
CA PRO B 321 -27.32 -9.38 6.86
C PRO B 321 -26.42 -10.60 6.75
N GLY B 322 -25.52 -10.75 7.71
CA GLY B 322 -24.67 -11.93 7.79
C GLY B 322 -23.47 -11.92 6.86
N GLU B 323 -23.32 -10.86 6.08
CA GLU B 323 -22.18 -10.74 5.18
C GLU B 323 -20.88 -10.53 5.93
N SER B 324 -19.79 -11.07 5.41
CA SER B 324 -18.47 -10.86 5.98
C SER B 324 -17.93 -9.51 5.55
N PHE B 325 -16.90 -9.02 6.23
CA PHE B 325 -16.29 -7.76 5.84
C PHE B 325 -15.64 -7.89 4.47
N ALA B 326 -15.07 -9.06 4.20
CA ALA B 326 -14.47 -9.34 2.90
C ALA B 326 -15.51 -9.21 1.80
N ARG B 327 -16.72 -9.67 2.07
CA ARG B 327 -17.80 -9.57 1.09
C ARG B 327 -18.16 -8.12 0.82
N VAL B 328 -18.14 -7.28 1.85
CA VAL B 328 -18.42 -5.86 1.65
C VAL B 328 -17.34 -5.23 0.78
N VAL B 329 -16.08 -5.62 0.99
CA VAL B 329 -15.00 -5.14 0.15
C VAL B 329 -15.26 -5.51 -1.31
N GLU B 330 -15.77 -6.72 -1.55
CA GLU B 330 -16.11 -7.17 -2.90
C GLU B 330 -17.24 -6.32 -3.49
N THR B 331 -18.25 -6.03 -2.69
CA THR B 331 -19.36 -5.17 -3.12
C THR B 331 -18.83 -3.80 -3.53
N VAL B 332 -17.93 -3.25 -2.73
CA VAL B 332 -17.33 -1.95 -3.03
C VAL B 332 -16.58 -2.02 -4.36
N SER B 333 -15.79 -3.08 -4.54
CA SER B 333 -15.02 -3.26 -5.76
C SER B 333 -15.92 -3.30 -6.99
N GLU B 334 -17.03 -4.02 -6.88
CA GLU B 334 -17.97 -4.16 -7.98
C GLU B 334 -18.61 -2.81 -8.32
N ALA B 335 -18.99 -2.05 -7.30
CA ALA B 335 -19.63 -0.76 -7.51
C ALA B 335 -18.63 0.27 -8.05
N MET B 336 -17.41 0.23 -7.54
CA MET B 336 -16.38 1.15 -7.99
C MET B 336 -16.03 0.93 -9.46
N SER B 337 -16.10 -0.32 -9.91
CA SER B 337 -15.81 -0.63 -11.30
C SER B 337 -16.72 0.17 -12.24
N GLY B 338 -18.00 0.22 -11.91
CA GLY B 338 -18.96 0.97 -12.69
C GLY B 338 -18.82 2.47 -12.52
N LEU B 339 -18.51 2.91 -11.29
CA LEU B 339 -18.30 4.32 -11.02
C LEU B 339 -17.15 4.83 -11.86
N LEU B 340 -16.04 4.10 -11.85
CA LEU B 340 -14.85 4.51 -12.58
C LEU B 340 -15.08 4.49 -14.09
N ALA B 341 -15.88 3.54 -14.56
CA ALA B 341 -16.15 3.43 -15.99
C ALA B 341 -17.01 4.57 -16.52
N HIS B 342 -17.66 5.30 -15.62
CA HIS B 342 -18.55 6.41 -15.99
C HIS B 342 -18.18 7.66 -15.21
N SER B 343 -16.90 7.81 -14.90
CA SER B 343 -16.43 8.82 -13.96
C SER B 343 -16.46 10.26 -14.49
N ARG B 344 -16.59 10.44 -15.81
CA ARG B 344 -16.55 11.77 -16.39
C ARG B 344 -17.87 12.51 -16.20
N PHE B 345 -18.94 11.81 -15.85
CA PHE B 345 -20.21 12.49 -15.62
C PHE B 345 -20.13 13.24 -14.30
N ARG B 346 -20.54 14.50 -14.33
CA ARG B 346 -20.39 15.38 -13.18
C ARG B 346 -21.44 15.09 -12.12
N GLY B 347 -21.00 15.00 -10.87
CA GLY B 347 -21.90 14.70 -9.77
C GLY B 347 -22.96 15.78 -9.64
N GLU B 348 -22.59 17.02 -9.93
CA GLU B 348 -23.53 18.13 -9.81
C GLU B 348 -24.59 18.06 -10.91
N ASP B 349 -24.23 17.51 -12.06
CA ASP B 349 -25.19 17.31 -13.15
C ASP B 349 -26.17 16.21 -12.78
N LEU B 350 -25.68 15.14 -12.18
CA LEU B 350 -26.54 14.05 -11.74
C LEU B 350 -27.55 14.56 -10.73
N ASP B 351 -27.09 15.35 -9.77
CA ASP B 351 -27.96 15.93 -8.76
C ASP B 351 -29.02 16.84 -9.38
N ARG B 352 -28.61 17.64 -10.36
CA ARG B 352 -29.54 18.56 -11.01
C ARG B 352 -30.66 17.80 -11.71
N GLU B 353 -30.30 16.70 -12.39
CA GLU B 353 -31.30 15.96 -13.14
C GLU B 353 -32.22 15.13 -12.24
N LEU B 354 -31.67 14.56 -11.18
CA LEU B 354 -32.48 13.75 -10.27
C LEU B 354 -33.34 14.63 -9.37
N GLY B 355 -32.88 15.85 -9.12
CA GLY B 355 -33.63 16.79 -8.31
C GLY B 355 -33.54 16.50 -6.82
N GLY B 356 -34.46 17.10 -6.06
CA GLY B 356 -34.43 16.97 -4.63
C GLY B 356 -33.10 17.39 -4.05
N ALA B 357 -32.64 16.65 -3.04
CA ALA B 357 -31.36 16.94 -2.38
C ALA B 357 -30.20 16.27 -3.09
N GLY B 358 -30.45 15.71 -4.27
CA GLY B 358 -29.43 14.98 -4.99
C GLY B 358 -29.18 13.64 -4.33
N VAL B 359 -28.13 12.95 -4.77
CA VAL B 359 -27.78 11.66 -4.21
C VAL B 359 -26.38 11.72 -3.62
N SER B 360 -26.25 11.29 -2.37
CA SER B 360 -25.00 11.44 -1.64
C SER B 360 -24.98 10.64 -0.37
N GLY B 361 -23.78 10.48 0.17
CA GLY B 361 -23.59 10.00 1.52
C GLY B 361 -22.37 10.69 2.07
N PRO B 362 -21.87 10.23 3.22
CA PRO B 362 -20.60 10.74 3.71
C PRO B 362 -19.55 10.66 2.60
N THR B 363 -18.76 11.71 2.42
CA THR B 363 -17.68 11.67 1.44
C THR B 363 -16.50 10.95 2.06
N VAL B 364 -16.02 9.92 1.37
CA VAL B 364 -14.85 9.17 1.83
C VAL B 364 -13.70 9.46 0.89
N ASN B 365 -12.74 10.22 1.40
CA ASN B 365 -11.64 10.74 0.62
C ASN B 365 -10.31 10.21 1.14
N VAL B 366 -9.91 9.05 0.62
CA VAL B 366 -8.60 8.49 0.91
C VAL B 366 -7.62 9.14 -0.06
N MET B 367 -6.83 10.10 0.43
N MET B 367 -6.82 10.08 0.45
CA MET B 367 -5.97 10.85 -0.45
CA MET B 367 -5.91 10.82 -0.40
C MET B 367 -4.87 9.96 -1.03
C MET B 367 -4.89 9.90 -1.04
N PRO B 368 -4.51 10.20 -2.30
CA PRO B 368 -3.47 9.39 -2.94
C PRO B 368 -2.13 9.59 -2.25
N TYR B 369 -1.23 8.64 -2.43
CA TYR B 369 0.10 8.75 -1.81
C TYR B 369 0.80 10.01 -2.28
N ILE B 370 1.38 10.73 -1.32
CA ILE B 370 2.30 11.81 -1.63
C ILE B 370 3.61 11.50 -0.92
N ARG B 371 4.70 11.49 -1.67
CA ARG B 371 6.01 11.26 -1.09
C ARG B 371 6.33 12.40 -0.13
N PRO B 372 6.99 12.09 0.99
CA PRO B 372 7.44 13.18 1.88
C PRO B 372 8.14 14.27 1.08
N VAL B 373 7.71 15.51 1.26
CA VAL B 373 8.20 16.63 0.48
C VAL B 373 9.60 17.01 0.95
N ASP B 374 10.58 16.93 0.05
CA ASP B 374 11.99 17.09 0.42
C ASP B 374 12.48 18.51 0.18
N PHE B 375 12.81 19.21 1.26
CA PHE B 375 13.36 20.56 1.18
C PHE B 375 14.88 20.56 1.28
N GLY B 376 15.47 19.37 1.39
CA GLY B 376 16.91 19.22 1.56
C GLY B 376 17.25 18.17 2.59
N VAL B 379 12.20 17.75 5.46
CA VAL B 379 11.18 16.83 4.96
C VAL B 379 9.78 17.25 5.44
N GLY B 380 8.84 17.38 4.50
CA GLY B 380 7.50 17.83 4.82
C GLY B 380 6.43 16.78 4.56
N LEU B 381 5.54 16.60 5.54
CA LEU B 381 4.41 15.68 5.42
C LEU B 381 3.11 16.46 5.29
N MET B 382 2.30 16.10 4.30
CA MET B 382 1.06 16.83 4.03
C MET B 382 -0.07 16.40 4.95
N ARG B 383 -0.86 17.39 5.36
CA ARG B 383 -2.04 17.15 6.20
C ARG B 383 -3.18 18.06 5.74
N SER B 384 -4.40 17.53 5.80
CA SER B 384 -5.57 18.29 5.39
C SER B 384 -6.03 19.26 6.47
N ILE B 385 -6.52 20.43 6.04
CA ILE B 385 -7.07 21.44 6.95
C ILE B 385 -8.58 21.54 6.73
N SER B 386 -8.98 21.67 5.47
CA SER B 386 -10.38 21.63 5.08
C SER B 386 -10.48 21.31 3.59
N SER B 387 -11.15 20.22 3.26
CA SER B 387 -11.21 19.74 1.88
C SER B 387 -12.33 20.39 1.06
N GLY B 388 -13.30 20.97 1.74
CA GLY B 388 -14.41 21.63 1.06
C GLY B 388 -15.66 21.66 1.92
N PRO B 389 -16.64 22.48 1.53
CA PRO B 389 -17.88 22.57 2.31
C PRO B 389 -18.69 21.28 2.20
N THR B 390 -19.54 21.01 3.17
CA THR B 390 -20.27 19.74 3.19
C THR B 390 -21.70 19.89 3.73
N THR B 391 -22.61 19.10 3.17
CA THR B 391 -23.98 19.04 3.67
C THR B 391 -24.08 18.07 4.85
N ASP B 392 -23.05 17.25 5.03
CA ASP B 392 -23.05 16.26 6.09
C ASP B 392 -21.65 16.05 6.64
N LEU B 393 -20.89 15.17 6.00
CA LEU B 393 -19.60 14.76 6.55
C LEU B 393 -18.62 14.37 5.46
N ASN B 394 -17.40 14.89 5.56
CA ASN B 394 -16.25 14.38 4.80
C ASN B 394 -15.35 13.61 5.74
N ILE B 395 -14.98 12.40 5.34
CA ILE B 395 -13.96 11.61 6.04
C ILE B 395 -12.72 11.61 5.17
N VAL B 396 -11.68 12.28 5.67
CA VAL B 396 -10.45 12.49 4.91
C VAL B 396 -9.29 11.74 5.56
N LEU B 397 -8.59 10.93 4.75
CA LEU B 397 -7.43 10.19 5.22
C LEU B 397 -6.19 10.62 4.45
N THR B 398 -5.10 10.84 5.17
CA THR B 398 -3.81 11.10 4.56
C THR B 398 -2.79 10.18 5.20
N GLY B 399 -1.86 9.69 4.40
CA GLY B 399 -0.84 8.77 4.87
C GLY B 399 -1.04 7.40 4.24
N THR B 400 -0.45 6.39 4.86
CA THR B 400 -0.55 5.01 4.40
C THR B 400 -0.62 4.06 5.59
N PRO B 401 -1.09 2.83 5.37
CA PRO B 401 -1.08 1.85 6.47
C PRO B 401 0.32 1.68 7.08
N GLU B 402 1.36 1.73 6.27
CA GLU B 402 2.73 1.51 6.76
C GLU B 402 3.33 2.72 7.47
N SER B 403 2.95 3.92 7.05
CA SER B 403 3.56 5.15 7.57
C SER B 403 2.70 5.83 8.65
N GLY B 404 1.47 5.38 8.80
CA GLY B 404 0.54 5.98 9.74
C GLY B 404 -0.40 6.91 9.01
N LEU B 405 -1.51 7.25 9.66
CA LEU B 405 -2.56 8.04 9.03
C LEU B 405 -2.97 9.24 9.86
N ARG B 406 -3.45 10.27 9.18
CA ARG B 406 -4.25 11.31 9.82
C ARG B 406 -5.67 11.16 9.29
N VAL B 407 -6.62 11.02 10.22
CA VAL B 407 -8.02 10.89 9.88
C VAL B 407 -8.74 12.17 10.27
N ASP B 408 -9.27 12.87 9.27
CA ASP B 408 -10.00 14.12 9.50
C ASP B 408 -11.49 13.91 9.28
N PHE B 409 -12.27 14.21 10.32
CA PHE B 409 -13.73 14.25 10.20
C PHE B 409 -14.12 15.71 10.03
N GLU B 410 -14.71 16.02 8.88
CA GLU B 410 -15.12 17.38 8.55
C GLU B 410 -16.65 17.44 8.51
N GLY B 411 -17.24 17.97 9.55
CA GLY B 411 -18.69 17.91 9.72
C GLY B 411 -19.39 19.23 9.49
N ASN B 412 -20.55 19.16 8.85
CA ASN B 412 -21.43 20.31 8.75
C ASN B 412 -21.75 20.80 10.16
N PRO B 413 -21.44 22.08 10.47
CA PRO B 413 -21.57 22.57 11.85
C PRO B 413 -23.01 22.65 12.38
N GLN B 414 -24.00 22.55 11.49
CA GLN B 414 -25.39 22.52 11.92
C GLN B 414 -25.80 21.10 12.29
N VAL B 415 -25.03 20.13 11.81
CA VAL B 415 -25.31 18.72 12.06
C VAL B 415 -24.44 18.18 13.19
N TYR B 416 -23.19 18.63 13.24
CA TYR B 416 -22.22 18.13 14.21
C TYR B 416 -21.54 19.25 14.99
N GLY B 417 -21.34 19.01 16.28
CA GLY B 417 -20.45 19.83 17.08
C GLY B 417 -19.05 19.25 16.99
N GLY B 418 -18.05 20.00 17.45
CA GLY B 418 -16.68 19.53 17.42
C GLY B 418 -16.51 18.27 18.25
N GLN B 419 -17.15 18.25 19.42
CA GLN B 419 -17.07 17.09 20.30
C GLN B 419 -17.77 15.88 19.67
N ASP B 420 -18.85 16.13 18.95
CA ASP B 420 -19.57 15.07 18.24
C ASP B 420 -18.64 14.38 17.24
N LEU B 421 -17.87 15.17 16.51
CA LEU B 421 -16.97 14.64 15.49
C LEU B 421 -15.85 13.83 16.12
N THR B 422 -15.26 14.36 17.18
CA THR B 422 -14.19 13.67 17.88
C THR B 422 -14.67 12.29 18.32
N VAL B 423 -15.84 12.24 18.93
CA VAL B 423 -16.40 11.01 19.45
C VAL B 423 -16.66 10.01 18.33
N LEU B 424 -17.35 10.46 17.29
CA LEU B 424 -17.70 9.62 16.15
C LEU B 424 -16.44 9.08 15.48
N GLN B 425 -15.44 9.94 15.38
CA GLN B 425 -14.16 9.65 14.76
C GLN B 425 -13.45 8.48 15.45
N GLU B 426 -13.36 8.56 16.78
CA GLU B 426 -12.72 7.52 17.56
C GLU B 426 -13.46 6.19 17.44
N ARG B 427 -14.79 6.25 17.44
CA ARG B 427 -15.59 5.03 17.35
C ARG B 427 -15.40 4.38 15.98
N PHE B 428 -15.36 5.20 14.94
CA PHE B 428 -15.19 4.68 13.59
C PHE B 428 -13.84 3.99 13.43
N VAL B 429 -12.78 4.64 13.90
CA VAL B 429 -11.43 4.11 13.70
C VAL B 429 -11.24 2.78 14.43
N ARG B 430 -11.84 2.65 15.61
CA ARG B 430 -11.76 1.39 16.34
C ARG B 430 -12.52 0.29 15.61
N PHE B 431 -13.66 0.63 15.03
CA PHE B 431 -14.47 -0.33 14.29
C PHE B 431 -13.76 -0.77 13.02
N LEU B 432 -13.18 0.20 12.31
CA LEU B 432 -12.43 -0.09 11.09
C LEU B 432 -11.28 -1.05 11.36
N ALA B 433 -10.53 -0.79 12.43
CA ALA B 433 -9.39 -1.62 12.79
C ALA B 433 -9.85 -3.03 13.15
N GLU B 434 -11.01 -3.13 13.78
CA GLU B 434 -11.57 -4.42 14.18
C GLU B 434 -11.94 -5.24 12.95
N LEU B 435 -12.59 -4.58 11.99
CA LEU B 435 -12.95 -5.21 10.72
C LEU B 435 -11.72 -5.71 9.96
N ALA B 436 -10.71 -4.84 9.88
CA ALA B 436 -9.51 -5.13 9.11
C ALA B 436 -8.71 -6.29 9.70
N ALA B 437 -8.79 -6.47 11.01
CA ALA B 437 -8.05 -7.52 11.69
C ALA B 437 -8.58 -8.91 11.37
N ASP B 438 -9.82 -8.99 10.88
CA ASP B 438 -10.41 -10.27 10.48
C ASP B 438 -11.50 -10.08 9.44
N PRO B 439 -11.12 -9.94 8.16
CA PRO B 439 -12.10 -9.71 7.09
C PRO B 439 -13.11 -10.85 6.93
N ALA B 440 -12.79 -12.03 7.46
CA ALA B 440 -13.70 -13.16 7.35
C ALA B 440 -14.87 -13.05 8.34
N ALA B 441 -14.72 -12.17 9.32
CA ALA B 441 -15.73 -12.01 10.36
C ALA B 441 -17.02 -11.41 9.82
N THR B 442 -18.14 -11.75 10.46
CA THR B 442 -19.45 -11.22 10.08
C THR B 442 -19.61 -9.80 10.59
N VAL B 443 -19.87 -8.87 9.66
CA VAL B 443 -20.01 -7.46 10.01
C VAL B 443 -21.01 -7.22 11.14
N ASP B 444 -22.10 -7.97 11.14
CA ASP B 444 -23.14 -7.77 12.15
C ASP B 444 -22.69 -8.18 13.55
N GLU B 445 -21.60 -8.95 13.63
CA GLU B 445 -21.14 -9.49 14.90
C GLU B 445 -19.90 -8.78 15.45
N VAL B 446 -19.32 -7.89 14.64
CA VAL B 446 -18.07 -7.23 15.02
C VAL B 446 -18.31 -6.21 16.13
N ALA B 447 -17.34 -6.10 17.03
CA ALA B 447 -17.45 -5.21 18.18
C ALA B 447 -17.45 -3.74 17.76
N LEU B 448 -18.48 -3.02 18.21
CA LEU B 448 -18.65 -1.60 17.87
C LEU B 448 -18.49 -0.72 19.10
#